data_3I7H
#
_entry.id   3I7H
#
_cell.length_a   63.856
_cell.length_b   132.860
_cell.length_c   183.818
_cell.angle_alpha   90.00
_cell.angle_beta   90.00
_cell.angle_gamma   90.00
#
_symmetry.space_group_name_H-M   'P 21 21 21'
#
loop_
_entity.id
_entity.type
_entity.pdbx_description
1 polymer 'DNA damage-binding protein 1'
2 polymer 'X protein'
#
loop_
_entity_poly.entity_id
_entity_poly.type
_entity_poly.pdbx_seq_one_letter_code
_entity_poly.pdbx_strand_id
1 'polypeptide(L)'
;GSHMSYNYVVTAQKPTAVNGCVTGHFTSAEDLNLLIAKNTRLEIYVVTAEGLRPVKEVGMYGKIAVMELFRPKGESKDLL
FILTAKYNACILEYKQSGESIDIITRAHGNVQDRIGRPSETGIIGIIDPECRMIGLRLYDGLFKVIPLDRDNKELKAFNI
RLEELHVIDVKFLYGCQAPTICFVYQDPQGRHVKTYEVSLREKEFNKGPWKQENVEAEASMVIAVPEPFGGAIIIGQESI
TYHNGDKYLAIAPPIIKQSTIVCHNRVDPNGSRYLLGDMEGRLFMLLLEKEEQMDGTVTLKDLRVELLGETSIAECLTYL
DNGVVFVGSRLGDSQLVKLNVDSNEQGSYVVAMETFTNLGPIVDMCVVDLERQGQGQLVTCSGAFKEGSLRIIRNGIGIH
EHASIDLPGIKGLWPLRSDPNRETYDTLVLSFVGQTRVLMLNGEEVEETELMGFVDDQQTFFCGNVAHQQLIQITSASVR
LVSQEPKALVSEWKEPQAKNISVASCNSSQVVVAVGRALYYLQIHPQELRQISHTEMEHEVACLDITPLGDSNGLSPLCA
IGLWTDISARILKLPSFELLHKEMLGGEIIPRSILMTTFESSHYLLCALGDGALFYFGLNIETGLLSDRKKVTLGTQPTV
LRTFRSLSTTNVFACSDRPTVIYSSNHKLVFSNVNLKEVNYMCPLNSDGYPDSLALANNSTLTIGTIDEIQKLHIRTVPL
YESPRKICYQEVSQCFGVLSSRIEVQDTSGGTTALRPSASTQALSSSVSSSKLFSSSTAPHETSFGEEVEVHNLLIIDQH
TFEVLHAHQFLQNEYALSLVSCKLGKDPNTYFIVGTAMVYPEEAEPKQGRIVVFQYSDGKLQTVAEKEVKGAVYSMVEFN
GKLLASINSTVRLYEWTTEKDVRTECNHYNNIMALYLKTKGDFILVGDLMRSVLLLAYKPMEGNFEEIARDFNPNWMSAV
EILDDDNFLGAENAFNLFVCQKDSAATTDEERQHLQEVGLFHLGEFVNVFCHGSLVMQNLGETSTPTQGSVLFGTVNGMI
GLVTSLSESWYNLLLDMQNRLNKVIKSVGKIEHSFWRSFHTERKTEPATGFIDGDLIESFLDISRPKMQEVVANLQYDDG
SGMKREATADDLIKVVEELTRIH
;
A
2 'polypeptide(L)' ILPKVLHKRTLGLS B
#
# COMPACT_ATOMS: atom_id res chain seq x y z
N MET A 4 16.88 16.73 -23.07
CA MET A 4 18.01 15.95 -22.49
C MET A 4 17.61 15.28 -21.16
N SER A 5 16.32 14.92 -21.05
CA SER A 5 15.77 14.36 -19.80
C SER A 5 15.21 12.96 -19.94
N TYR A 6 15.70 12.08 -19.06
CA TYR A 6 15.30 10.68 -19.08
C TYR A 6 14.99 10.24 -17.65
N ASN A 7 13.69 10.08 -17.38
CA ASN A 7 13.21 9.76 -16.05
C ASN A 7 12.48 8.43 -15.94
N TYR A 8 12.38 7.96 -14.70
CA TYR A 8 11.87 6.62 -14.41
C TYR A 8 11.05 6.63 -13.11
N VAL A 9 9.84 6.06 -13.15
CA VAL A 9 8.93 6.07 -11.99
C VAL A 9 8.35 4.70 -11.75
N VAL A 10 8.67 4.16 -10.59
CA VAL A 10 8.13 2.88 -10.19
C VAL A 10 7.22 3.12 -9.02
N THR A 11 6.11 2.38 -8.92
CA THR A 11 5.40 2.38 -7.65
C THR A 11 6.24 1.69 -6.59
N ALA A 12 6.22 2.25 -5.38
CA ALA A 12 6.94 1.68 -4.25
C ALA A 12 5.96 1.04 -3.29
N GLN A 13 4.76 1.60 -3.21
CA GLN A 13 3.68 1.03 -2.43
C GLN A 13 2.41 1.38 -3.16
N LYS A 14 1.56 0.40 -3.41
CA LYS A 14 0.32 0.67 -4.14
C LYS A 14 -0.58 1.50 -3.25
N PRO A 15 -1.56 2.20 -3.84
CA PRO A 15 -2.58 3.01 -3.15
C PRO A 15 -3.39 2.19 -2.19
N THR A 16 -3.43 2.62 -0.94
CA THR A 16 -4.11 1.86 0.09
C THR A 16 -5.42 2.49 0.48
N ALA A 17 -5.66 3.74 0.11
CA ALA A 17 -6.98 4.29 0.35
C ALA A 17 -8.02 3.67 -0.59
N VAL A 18 -9.26 3.62 -0.14
CA VAL A 18 -10.36 3.01 -0.87
C VAL A 18 -11.29 4.09 -1.34
N ASN A 19 -11.55 4.07 -2.64
CA ASN A 19 -12.36 5.09 -3.26
C ASN A 19 -13.79 4.65 -3.53
N GLY A 20 -14.04 3.35 -3.49
CA GLY A 20 -15.38 2.84 -3.70
C GLY A 20 -15.43 1.37 -3.45
N CYS A 21 -16.62 0.88 -3.18
CA CYS A 21 -16.82 -0.54 -2.92
C CYS A 21 -18.27 -0.87 -3.19
N VAL A 22 -18.47 -1.98 -3.87
CA VAL A 22 -19.79 -2.41 -4.25
C VAL A 22 -19.89 -3.90 -3.99
N THR A 23 -21.07 -4.32 -3.55
CA THR A 23 -21.38 -5.73 -3.26
C THR A 23 -22.25 -6.40 -4.37
N GLY A 24 -22.23 -7.73 -4.48
CA GLY A 24 -23.10 -8.41 -5.47
C GLY A 24 -22.58 -9.76 -5.95
N HIS A 25 -23.20 -10.29 -7.00
CA HIS A 25 -22.90 -11.66 -7.46
C HIS A 25 -22.27 -11.67 -8.85
N PHE A 26 -20.96 -11.51 -8.90
CA PHE A 26 -20.27 -11.18 -10.14
C PHE A 26 -19.29 -12.26 -10.52
N THR A 27 -18.98 -13.09 -9.53
CA THR A 27 -18.06 -14.16 -9.70
C THR A 27 -18.83 -15.38 -10.19
N SER A 28 -19.99 -15.59 -9.56
CA SER A 28 -20.94 -16.61 -9.93
C SER A 28 -22.20 -16.21 -9.21
N ALA A 29 -23.36 -16.60 -9.74
CA ALA A 29 -24.66 -16.33 -9.11
C ALA A 29 -24.78 -16.98 -7.74
N GLU A 30 -24.03 -18.05 -7.53
CA GLU A 30 -24.05 -18.80 -6.30
C GLU A 30 -23.10 -18.21 -5.25
N ASP A 31 -22.67 -16.97 -5.46
CA ASP A 31 -21.61 -16.33 -4.66
C ASP A 31 -21.96 -14.90 -4.28
N LEU A 32 -21.42 -14.44 -3.17
CA LEU A 32 -21.49 -13.01 -2.79
C LEU A 32 -20.12 -12.34 -2.83
N ASN A 33 -20.00 -11.29 -3.62
CA ASN A 33 -18.72 -10.65 -3.72
C ASN A 33 -18.71 -9.29 -3.03
N LEU A 34 -17.52 -8.87 -2.59
CA LEU A 34 -17.24 -7.47 -2.33
C LEU A 34 -16.20 -6.97 -3.34
N LEU A 35 -16.53 -5.86 -4.00
CA LEU A 35 -15.60 -5.25 -4.94
C LEU A 35 -15.12 -3.93 -4.42
N ILE A 36 -13.80 -3.81 -4.29
CA ILE A 36 -13.16 -2.63 -3.77
C ILE A 36 -12.49 -1.87 -4.89
N ALA A 37 -12.69 -0.56 -4.92
CA ALA A 37 -12.07 0.30 -5.91
C ALA A 37 -10.91 1.04 -5.29
N LYS A 38 -9.83 1.18 -6.03
CA LYS A 38 -8.65 1.79 -5.46
C LYS A 38 -8.74 3.01 -6.32
N ASN A 39 -7.78 3.22 -7.20
CA ASN A 39 -7.66 4.47 -7.91
C ASN A 39 -7.69 3.61 -9.13
N THR A 40 -6.58 2.97 -9.44
CA THR A 40 -6.49 2.27 -10.67
C THR A 40 -6.63 0.80 -10.46
N ARG A 41 -6.96 0.38 -9.26
CA ARG A 41 -7.10 -1.03 -8.98
C ARG A 41 -8.49 -1.48 -8.52
N LEU A 42 -8.93 -2.61 -9.03
CA LEU A 42 -10.16 -3.29 -8.67
C LEU A 42 -9.81 -4.54 -7.86
N GLU A 43 -10.31 -4.63 -6.65
CA GLU A 43 -10.02 -5.78 -5.80
C GLU A 43 -11.26 -6.62 -5.70
N ILE A 44 -11.14 -7.94 -5.88
CA ILE A 44 -12.32 -8.79 -5.92
C ILE A 44 -12.33 -9.90 -4.83
N TYR A 45 -13.36 -9.87 -3.99
CA TYR A 45 -13.45 -10.77 -2.85
C TYR A 45 -14.71 -11.63 -2.90
N VAL A 46 -14.64 -12.78 -2.24
CA VAL A 46 -15.81 -13.61 -1.99
C VAL A 46 -16.09 -13.52 -0.50
N VAL A 47 -17.30 -13.08 -0.16
CA VAL A 47 -17.75 -13.07 1.22
C VAL A 47 -17.94 -14.51 1.69
N THR A 48 -17.37 -14.85 2.85
CA THR A 48 -17.53 -16.21 3.40
C THR A 48 -17.80 -16.27 4.90
N ALA A 49 -17.59 -17.47 5.46
CA ALA A 49 -17.79 -17.72 6.86
C ALA A 49 -16.66 -17.07 7.69
N GLU A 50 -15.41 -17.38 7.37
CA GLU A 50 -14.30 -16.84 8.16
C GLU A 50 -14.05 -15.37 7.86
N GLY A 51 -14.63 -14.89 6.75
CA GLY A 51 -14.53 -13.48 6.33
C GLY A 51 -14.62 -13.25 4.84
N LEU A 52 -13.60 -12.58 4.29
CA LEU A 52 -13.50 -12.36 2.85
C LEU A 52 -12.29 -13.10 2.26
N ARG A 53 -12.52 -13.86 1.21
CA ARG A 53 -11.43 -14.57 0.56
C ARG A 53 -11.21 -13.89 -0.76
N PRO A 54 -9.97 -13.47 -1.03
CA PRO A 54 -9.67 -12.71 -2.23
C PRO A 54 -9.54 -13.63 -3.41
N VAL A 55 -10.16 -13.31 -4.54
CA VAL A 55 -9.99 -14.17 -5.72
C VAL A 55 -9.12 -13.57 -6.83
N LYS A 56 -9.23 -12.26 -7.04
CA LYS A 56 -8.58 -11.62 -8.20
C LYS A 56 -8.31 -10.11 -8.02
N GLU A 57 -7.07 -9.71 -8.26
CA GLU A 57 -6.74 -8.27 -8.24
C GLU A 57 -6.17 -7.78 -9.58
N VAL A 58 -6.94 -6.91 -10.24
CA VAL A 58 -6.62 -6.43 -11.59
C VAL A 58 -6.31 -4.94 -11.68
N GLY A 59 -5.37 -4.60 -12.56
CA GLY A 59 -4.98 -3.23 -12.83
C GLY A 59 -5.71 -2.60 -14.00
N MET A 60 -5.96 -1.30 -13.88
CA MET A 60 -6.48 -0.50 -15.01
C MET A 60 -5.69 0.74 -15.32
N TYR A 61 -5.81 1.11 -16.58
CA TYR A 61 -5.10 2.19 -17.19
C TYR A 61 -6.01 3.41 -17.12
N GLY A 62 -6.39 3.75 -15.89
CA GLY A 62 -7.42 4.72 -15.63
C GLY A 62 -7.73 4.74 -14.17
N LYS A 63 -8.28 5.85 -13.69
CA LYS A 63 -8.72 5.95 -12.34
C LYS A 63 -10.20 5.55 -12.35
N ILE A 64 -10.57 4.49 -11.63
CA ILE A 64 -12.00 4.13 -11.45
C ILE A 64 -12.87 5.18 -10.75
N ALA A 65 -13.92 5.64 -11.41
CA ALA A 65 -14.74 6.78 -11.00
C ALA A 65 -16.18 6.36 -10.97
N VAL A 66 -16.48 5.24 -11.62
CA VAL A 66 -17.79 4.63 -11.52
C VAL A 66 -17.60 3.17 -11.54
N MET A 67 -18.26 2.50 -10.59
CA MET A 67 -18.12 1.05 -10.46
C MET A 67 -19.49 0.49 -10.10
N GLU A 68 -20.20 -0.13 -11.04
CA GLU A 68 -21.52 -0.73 -10.73
C GLU A 68 -21.80 -2.10 -11.35
N LEU A 69 -22.30 -3.04 -10.54
CA LEU A 69 -22.73 -4.37 -11.01
C LEU A 69 -24.17 -4.34 -11.43
N PHE A 70 -24.53 -5.10 -12.47
CA PHE A 70 -25.93 -5.21 -12.93
C PHE A 70 -26.16 -6.54 -13.62
N ARG A 71 -27.40 -7.04 -13.61
CA ARG A 71 -27.73 -8.21 -14.49
C ARG A 71 -28.72 -7.85 -15.62
N PRO A 72 -28.22 -7.74 -16.86
CA PRO A 72 -29.17 -7.54 -17.98
C PRO A 72 -29.90 -8.85 -18.34
N LYS A 73 -31.18 -8.73 -18.69
CA LYS A 73 -32.12 -9.84 -18.92
C LYS A 73 -31.50 -11.03 -19.67
N GLY A 74 -31.67 -12.23 -19.13
CA GLY A 74 -31.07 -13.44 -19.69
C GLY A 74 -29.55 -13.49 -19.55
N GLU A 75 -29.08 -13.26 -18.32
CA GLU A 75 -27.64 -13.22 -18.04
C GLU A 75 -27.30 -14.00 -16.78
N SER A 76 -26.39 -14.94 -16.93
CA SER A 76 -26.00 -15.86 -15.86
C SER A 76 -25.79 -15.13 -14.50
N LYS A 77 -24.76 -14.27 -14.44
CA LYS A 77 -24.36 -13.57 -13.24
C LYS A 77 -24.37 -12.07 -13.44
N ASP A 78 -23.81 -11.34 -12.47
CA ASP A 78 -23.68 -9.89 -12.57
C ASP A 78 -22.62 -9.52 -13.57
N LEU A 79 -22.92 -8.51 -14.35
CA LEU A 79 -21.94 -7.89 -15.20
C LEU A 79 -21.43 -6.60 -14.50
N LEU A 80 -20.24 -6.15 -14.88
CA LEU A 80 -19.62 -5.00 -14.19
C LEU A 80 -19.50 -3.74 -15.04
N PHE A 81 -19.92 -2.60 -14.51
CA PHE A 81 -19.67 -1.33 -15.20
C PHE A 81 -18.65 -0.39 -14.56
N ILE A 82 -17.68 0.02 -15.36
CA ILE A 82 -16.59 0.86 -14.88
C ILE A 82 -16.44 2.06 -15.79
N LEU A 83 -16.42 3.25 -15.22
CA LEU A 83 -16.09 4.42 -15.99
C LEU A 83 -14.82 5.00 -15.40
N THR A 84 -13.83 5.16 -16.26
CA THR A 84 -12.59 5.77 -15.89
C THR A 84 -12.70 7.33 -15.82
N ALA A 85 -11.87 7.97 -14.98
CA ALA A 85 -11.85 9.44 -14.84
C ALA A 85 -11.53 10.24 -16.10
N LYS A 86 -10.66 9.71 -16.97
CA LYS A 86 -10.40 10.22 -18.32
C LYS A 86 -11.49 9.80 -19.34
N TYR A 87 -12.60 9.29 -18.85
CA TYR A 87 -13.78 9.14 -19.69
C TYR A 87 -13.90 7.82 -20.49
N ASN A 88 -12.94 6.92 -20.25
CA ASN A 88 -12.99 5.53 -20.72
C ASN A 88 -14.09 4.75 -19.99
N ALA A 89 -15.10 4.29 -20.75
CA ALA A 89 -16.15 3.37 -20.28
C ALA A 89 -15.85 1.93 -20.69
N CYS A 90 -16.59 1.00 -20.08
CA CYS A 90 -16.48 -0.42 -20.43
C CYS A 90 -17.32 -1.25 -19.50
N ILE A 91 -17.87 -2.35 -20.06
CA ILE A 91 -18.54 -3.45 -19.34
C ILE A 91 -17.62 -4.66 -19.29
N LEU A 92 -17.48 -5.25 -18.11
CA LEU A 92 -16.64 -6.42 -17.90
C LEU A 92 -17.39 -7.64 -17.38
N GLU A 93 -16.86 -8.81 -17.74
CA GLU A 93 -17.30 -10.12 -17.26
C GLU A 93 -16.21 -10.94 -16.59
N TYR A 94 -16.57 -11.60 -15.49
CA TYR A 94 -15.66 -12.52 -14.82
C TYR A 94 -15.83 -13.90 -15.43
N LYS A 95 -14.75 -14.44 -15.99
CA LYS A 95 -14.81 -15.76 -16.60
C LYS A 95 -13.71 -16.65 -16.07
N GLN A 96 -14.08 -17.57 -15.19
CA GLN A 96 -13.12 -18.51 -14.59
C GLN A 96 -12.90 -19.79 -15.38
N SER A 97 -13.31 -19.81 -16.65
CA SER A 97 -13.14 -20.98 -17.53
C SER A 97 -11.90 -21.84 -17.18
N GLY A 98 -10.70 -21.34 -17.47
CA GLY A 98 -9.46 -22.04 -17.10
C GLY A 98 -9.29 -22.05 -15.59
N GLU A 99 -8.59 -23.04 -15.05
CA GLU A 99 -8.22 -23.04 -13.62
C GLU A 99 -7.56 -21.70 -13.31
N SER A 100 -7.45 -20.87 -14.35
CA SER A 100 -6.89 -19.51 -14.30
C SER A 100 -7.92 -18.46 -14.73
N ILE A 101 -7.81 -17.25 -14.18
CA ILE A 101 -8.94 -16.30 -14.17
C ILE A 101 -8.90 -15.18 -15.22
N ASP A 102 -10.08 -14.67 -15.59
CA ASP A 102 -10.13 -13.63 -16.62
C ASP A 102 -11.21 -12.56 -16.49
N ILE A 103 -10.78 -11.32 -16.69
CA ILE A 103 -11.69 -10.19 -16.78
C ILE A 103 -11.77 -9.81 -18.22
N ILE A 104 -12.76 -10.36 -18.90
CA ILE A 104 -13.04 -10.07 -20.30
C ILE A 104 -13.89 -8.80 -20.45
N THR A 105 -13.59 -8.02 -21.49
CA THR A 105 -14.33 -6.82 -21.85
C THR A 105 -15.49 -7.10 -22.80
N ARG A 106 -16.69 -7.33 -22.25
CA ARG A 106 -17.92 -7.45 -23.07
C ARG A 106 -18.20 -6.26 -23.99
N ALA A 107 -17.89 -5.05 -23.52
CA ALA A 107 -18.05 -3.83 -24.33
C ALA A 107 -17.06 -2.81 -23.85
N HIS A 108 -16.92 -1.72 -24.62
CA HIS A 108 -16.03 -0.59 -24.27
C HIS A 108 -16.10 0.53 -25.28
N GLY A 109 -15.52 1.69 -24.95
CA GLY A 109 -15.56 2.90 -25.76
C GLY A 109 -15.46 4.15 -24.89
N ASN A 110 -14.86 5.22 -25.43
CA ASN A 110 -14.59 6.44 -24.69
C ASN A 110 -15.72 7.51 -24.75
N VAL A 111 -16.28 7.89 -23.60
CA VAL A 111 -17.47 8.76 -23.55
C VAL A 111 -17.20 10.26 -23.30
N GLN A 112 -15.95 10.67 -23.51
CA GLN A 112 -15.56 12.08 -23.54
C GLN A 112 -16.55 12.95 -24.35
N ASP A 113 -16.62 14.25 -24.05
CA ASP A 113 -17.27 15.18 -24.98
C ASP A 113 -16.44 16.40 -25.20
N ARG A 114 -16.19 16.72 -26.46
CA ARG A 114 -15.50 17.94 -26.82
C ARG A 114 -16.11 19.15 -26.10
N ILE A 115 -17.41 19.07 -25.80
CA ILE A 115 -18.11 20.19 -25.20
C ILE A 115 -18.27 19.97 -23.68
N GLY A 116 -18.85 20.96 -22.97
CA GLY A 116 -19.31 20.77 -21.57
C GLY A 116 -18.25 20.76 -20.46
N ARG A 117 -18.46 21.65 -19.50
CA ARG A 117 -17.56 21.72 -18.34
C ARG A 117 -17.84 20.60 -17.31
N PRO A 118 -16.77 20.05 -16.70
CA PRO A 118 -16.86 19.07 -15.63
C PRO A 118 -17.71 19.64 -14.50
N SER A 119 -18.78 18.94 -14.23
CA SER A 119 -19.78 19.32 -13.29
C SER A 119 -19.16 19.31 -11.90
N GLU A 120 -19.61 20.20 -11.01
CA GLU A 120 -19.17 20.10 -9.64
C GLU A 120 -20.02 19.10 -8.90
N THR A 121 -19.35 18.29 -8.08
CA THR A 121 -19.82 17.01 -7.48
C THR A 121 -19.48 15.84 -8.36
N GLY A 122 -18.85 16.13 -9.51
CA GLY A 122 -18.20 15.11 -10.32
C GLY A 122 -19.03 14.19 -11.20
N ILE A 123 -18.30 13.29 -11.87
CA ILE A 123 -18.90 12.21 -12.66
C ILE A 123 -19.85 11.45 -11.77
N ILE A 124 -21.08 11.25 -12.21
CA ILE A 124 -21.96 10.29 -11.57
C ILE A 124 -22.42 9.25 -12.59
N GLY A 125 -22.40 7.98 -12.21
CA GLY A 125 -22.83 6.90 -13.10
C GLY A 125 -23.99 6.11 -12.50
N ILE A 126 -25.06 5.89 -13.24
CA ILE A 126 -26.25 5.28 -12.63
C ILE A 126 -26.89 4.31 -13.62
N ILE A 127 -27.65 3.33 -13.12
CA ILE A 127 -28.23 2.35 -14.04
C ILE A 127 -29.63 2.08 -13.60
N ASP A 128 -30.57 2.17 -14.56
CA ASP A 128 -32.00 1.89 -14.37
C ASP A 128 -32.24 0.45 -13.86
N PRO A 129 -33.23 0.28 -12.98
CA PRO A 129 -33.47 -1.04 -12.41
C PRO A 129 -33.80 -2.11 -13.46
N GLU A 130 -34.41 -1.69 -14.58
CA GLU A 130 -34.69 -2.58 -15.68
C GLU A 130 -33.46 -2.86 -16.57
N CYS A 131 -32.25 -2.50 -16.12
CA CYS A 131 -31.07 -2.61 -16.98
C CYS A 131 -31.37 -2.24 -18.44
N ARG A 132 -32.19 -1.23 -18.65
CA ARG A 132 -32.48 -0.77 -20.00
C ARG A 132 -31.36 0.15 -20.42
N MET A 133 -30.79 0.87 -19.46
CA MET A 133 -29.84 1.91 -19.80
C MET A 133 -28.94 2.38 -18.69
N ILE A 134 -27.85 2.99 -19.14
CA ILE A 134 -26.92 3.73 -18.29
C ILE A 134 -27.06 5.26 -18.46
N GLY A 135 -27.22 5.97 -17.35
CA GLY A 135 -27.22 7.41 -17.37
C GLY A 135 -25.92 7.89 -16.77
N LEU A 136 -25.23 8.76 -17.50
CA LEU A 136 -24.07 9.43 -16.98
C LEU A 136 -24.38 10.91 -16.81
N ARG A 137 -23.80 11.54 -15.79
CA ARG A 137 -23.81 12.98 -15.63
C ARG A 137 -22.37 13.48 -15.56
N LEU A 138 -21.70 13.61 -16.71
CA LEU A 138 -20.31 14.03 -16.78
C LEU A 138 -20.07 15.54 -16.69
N TYR A 139 -21.03 16.35 -17.14
CA TYR A 139 -20.85 17.79 -17.39
C TYR A 139 -22.12 18.58 -17.17
N ASP A 140 -21.97 19.85 -16.84
CA ASP A 140 -23.13 20.71 -16.62
C ASP A 140 -23.95 20.89 -17.90
N GLY A 141 -25.27 20.73 -17.75
CA GLY A 141 -26.20 20.90 -18.85
C GLY A 141 -26.39 19.65 -19.71
N LEU A 142 -25.65 18.60 -19.46
CA LEU A 142 -25.69 17.49 -20.38
C LEU A 142 -25.88 16.13 -19.70
N PHE A 143 -26.90 15.40 -20.11
CA PHE A 143 -27.12 14.08 -19.58
C PHE A 143 -26.97 13.05 -20.69
N LYS A 144 -25.88 12.30 -20.63
CA LYS A 144 -25.54 11.29 -21.66
C LYS A 144 -26.24 9.95 -21.40
N VAL A 145 -26.78 9.36 -22.46
CA VAL A 145 -27.49 8.10 -22.34
C VAL A 145 -26.82 7.03 -23.19
N ILE A 146 -26.69 5.84 -22.61
CA ILE A 146 -26.27 4.65 -23.34
C ILE A 146 -27.35 3.60 -23.23
N PRO A 147 -27.90 3.17 -24.39
CA PRO A 147 -28.86 2.06 -24.38
C PRO A 147 -28.17 0.72 -24.17
N LEU A 148 -28.84 -0.21 -23.51
CA LEU A 148 -28.17 -1.42 -23.04
C LEU A 148 -28.26 -2.70 -23.89
N ASP A 149 -29.36 -2.89 -24.62
CA ASP A 149 -29.54 -4.01 -25.59
C ASP A 149 -28.26 -4.68 -26.15
N ARG A 150 -28.35 -5.99 -26.38
CA ARG A 150 -27.21 -6.92 -26.53
C ARG A 150 -26.03 -6.53 -27.48
N ASP A 151 -26.26 -5.58 -28.39
CA ASP A 151 -25.17 -5.04 -29.19
C ASP A 151 -24.63 -3.76 -28.60
N ASN A 152 -24.21 -2.84 -29.47
CA ASN A 152 -23.66 -1.56 -28.99
C ASN A 152 -22.29 -1.79 -28.27
N LYS A 153 -21.53 -2.78 -28.72
CA LYS A 153 -20.26 -3.21 -28.10
C LYS A 153 -19.17 -2.13 -28.13
N GLU A 154 -19.56 -0.91 -28.54
CA GLU A 154 -18.67 0.26 -28.45
C GLU A 154 -19.30 1.35 -27.59
N LEU A 155 -20.52 1.09 -27.16
CA LEU A 155 -21.24 1.98 -26.31
C LEU A 155 -21.50 3.34 -26.94
N LYS A 156 -21.85 3.33 -28.23
CA LYS A 156 -22.29 4.57 -28.88
C LYS A 156 -23.33 5.09 -27.90
N ALA A 157 -23.23 6.38 -27.59
CA ALA A 157 -24.13 7.07 -26.66
C ALA A 157 -24.83 8.27 -27.32
N PHE A 158 -25.76 8.89 -26.62
CA PHE A 158 -26.23 10.19 -27.05
C PHE A 158 -26.42 11.07 -25.81
N ASN A 159 -26.36 12.39 -25.99
CA ASN A 159 -26.66 13.36 -24.95
C ASN A 159 -28.10 13.87 -25.07
N ILE A 160 -28.68 14.33 -23.97
CA ILE A 160 -29.94 15.05 -23.95
C ILE A 160 -29.76 16.36 -23.19
N ARG A 161 -30.13 17.52 -23.74
CA ARG A 161 -29.92 18.77 -23.00
C ARG A 161 -30.66 18.73 -21.68
N LEU A 162 -30.01 19.21 -20.63
CA LEU A 162 -30.62 19.22 -19.31
C LEU A 162 -30.70 20.66 -18.91
N GLU A 163 -31.93 21.16 -18.83
CA GLU A 163 -32.14 22.59 -18.55
C GLU A 163 -31.48 23.00 -17.21
N GLU A 164 -31.57 22.09 -16.24
CA GLU A 164 -31.00 22.28 -14.89
C GLU A 164 -29.47 22.27 -14.90
N LEU A 165 -28.96 23.47 -15.23
CA LEU A 165 -27.60 24.00 -14.97
C LEU A 165 -26.70 23.31 -13.89
N HIS A 166 -27.18 23.17 -12.65
CA HIS A 166 -26.31 22.75 -11.51
C HIS A 166 -26.82 21.55 -10.66
N VAL A 167 -26.57 20.35 -11.17
CA VAL A 167 -27.06 19.12 -10.55
C VAL A 167 -26.22 18.53 -9.38
N ILE A 168 -26.87 18.36 -8.23
CA ILE A 168 -26.20 17.87 -7.01
C ILE A 168 -26.06 16.34 -6.91
N ASP A 169 -27.17 15.62 -7.08
CA ASP A 169 -27.17 14.16 -7.14
C ASP A 169 -28.28 13.60 -8.06
N VAL A 170 -28.08 12.38 -8.61
CA VAL A 170 -29.14 11.67 -9.39
C VAL A 170 -29.22 10.17 -9.18
N LYS A 171 -30.44 9.65 -9.12
CA LYS A 171 -30.71 8.23 -9.29
C LYS A 171 -31.91 8.04 -10.21
N PHE A 172 -32.02 6.84 -10.80
CA PHE A 172 -33.27 6.37 -11.41
C PHE A 172 -34.23 5.83 -10.34
N LEU A 173 -35.53 6.02 -10.53
CA LEU A 173 -36.50 5.48 -9.60
C LEU A 173 -36.98 4.07 -9.93
N TYR A 174 -37.30 3.33 -8.88
CA TYR A 174 -37.81 1.99 -9.01
C TYR A 174 -39.31 2.09 -9.22
N GLY A 175 -39.87 1.08 -9.89
CA GLY A 175 -41.33 0.95 -10.00
C GLY A 175 -41.91 1.90 -11.02
N CYS A 176 -41.10 2.18 -12.03
CA CYS A 176 -41.44 3.11 -13.09
C CYS A 176 -41.78 2.39 -14.38
N GLN A 177 -42.81 2.87 -15.08
CA GLN A 177 -43.23 2.25 -16.34
C GLN A 177 -42.46 2.83 -17.52
N ALA A 178 -41.36 3.50 -17.20
CA ALA A 178 -40.37 4.00 -18.14
C ALA A 178 -39.15 4.38 -17.29
N PRO A 179 -37.95 4.40 -17.88
CA PRO A 179 -36.90 4.89 -17.00
C PRO A 179 -37.30 6.27 -16.48
N THR A 180 -37.04 6.55 -15.22
CA THR A 180 -37.33 7.89 -14.69
C THR A 180 -36.28 8.39 -13.74
N ILE A 181 -35.67 9.49 -14.15
CA ILE A 181 -34.59 10.04 -13.43
C ILE A 181 -35.08 10.92 -12.25
N CYS A 182 -34.31 10.97 -11.19
CA CYS A 182 -34.72 11.75 -10.05
C CYS A 182 -33.55 12.48 -9.44
N PHE A 183 -33.58 13.82 -9.49
CA PHE A 183 -32.41 14.60 -9.09
C PHE A 183 -32.67 15.83 -8.20
N VAL A 184 -31.62 16.26 -7.53
CA VAL A 184 -31.64 17.46 -6.75
C VAL A 184 -30.74 18.43 -7.47
N TYR A 185 -31.30 19.58 -7.82
CA TYR A 185 -30.51 20.61 -8.48
C TYR A 185 -30.52 21.89 -7.70
N GLN A 186 -29.50 22.70 -7.95
CA GLN A 186 -29.43 24.02 -7.36
C GLN A 186 -29.63 25.12 -8.41
N ASP A 187 -30.35 26.15 -8.00
CA ASP A 187 -30.51 27.37 -8.75
C ASP A 187 -30.63 28.51 -7.71
N PRO A 188 -30.70 29.78 -8.17
CA PRO A 188 -31.12 30.78 -7.17
C PRO A 188 -31.93 30.58 -5.90
N GLN A 189 -33.16 30.09 -6.01
CA GLN A 189 -34.10 29.98 -4.87
C GLN A 189 -33.91 28.76 -3.95
N GLY A 190 -32.69 28.21 -3.98
CA GLY A 190 -32.36 27.00 -3.26
C GLY A 190 -32.36 25.79 -4.17
N ARG A 191 -32.65 24.63 -3.59
CA ARG A 191 -32.51 23.34 -4.25
C ARG A 191 -33.84 22.61 -4.32
N HIS A 192 -34.06 21.90 -5.41
CA HIS A 192 -35.34 21.23 -5.61
C HIS A 192 -35.13 19.84 -6.18
N VAL A 193 -36.11 18.98 -5.96
CA VAL A 193 -36.07 17.65 -6.52
C VAL A 193 -37.08 17.59 -7.67
N LYS A 194 -36.67 16.97 -8.79
CA LYS A 194 -37.45 16.97 -10.03
C LYS A 194 -37.29 15.61 -10.71
N THR A 195 -38.27 15.22 -11.54
CA THR A 195 -38.22 13.96 -12.31
C THR A 195 -38.23 14.20 -13.84
N TYR A 196 -37.68 13.23 -14.59
CA TYR A 196 -37.80 13.20 -16.06
C TYR A 196 -37.84 11.77 -16.53
N GLU A 197 -38.75 11.46 -17.44
CA GLU A 197 -38.73 10.16 -18.10
C GLU A 197 -37.63 10.15 -19.19
N VAL A 198 -36.97 9.01 -19.40
CA VAL A 198 -36.04 8.99 -20.54
C VAL A 198 -36.62 8.27 -21.75
N SER A 199 -36.93 9.03 -22.80
CA SER A 199 -37.39 8.43 -24.02
C SER A 199 -36.20 8.19 -24.91
N LEU A 200 -35.62 7.00 -24.80
CA LEU A 200 -34.48 6.62 -25.62
C LEU A 200 -34.89 6.44 -27.07
N ARG A 201 -36.20 6.32 -27.30
CA ARG A 201 -36.78 6.24 -28.65
C ARG A 201 -36.58 7.54 -29.42
N GLU A 202 -36.82 8.67 -28.78
CA GLU A 202 -36.73 9.97 -29.45
C GLU A 202 -35.78 10.94 -28.77
N LYS A 203 -35.16 10.48 -27.68
CA LYS A 203 -34.03 11.19 -27.03
C LYS A 203 -34.40 12.47 -26.28
N GLU A 204 -35.68 12.61 -25.93
CA GLU A 204 -36.13 13.76 -25.16
C GLU A 204 -35.99 13.38 -23.70
N PHE A 205 -36.57 14.21 -22.82
CA PHE A 205 -36.72 13.94 -21.39
C PHE A 205 -38.18 13.76 -21.00
N ASN A 206 -39.10 14.15 -21.89
CA ASN A 206 -40.54 14.19 -21.60
C ASN A 206 -40.88 14.85 -20.28
N LYS A 207 -41.98 14.42 -19.66
CA LYS A 207 -42.35 14.96 -18.38
C LYS A 207 -41.83 13.96 -17.37
N GLY A 208 -41.98 14.27 -16.07
CA GLY A 208 -41.69 13.30 -15.03
C GLY A 208 -42.94 12.85 -14.29
N PRO A 209 -42.94 11.61 -13.75
CA PRO A 209 -43.99 10.98 -12.95
C PRO A 209 -44.53 11.83 -11.81
N TRP A 210 -43.79 12.81 -11.35
CA TRP A 210 -44.32 13.68 -10.33
C TRP A 210 -43.56 14.96 -10.22
N LYS A 211 -44.29 16.03 -9.90
CA LYS A 211 -43.82 17.39 -10.02
C LYS A 211 -42.69 17.77 -9.06
N GLN A 212 -42.27 19.01 -9.15
CA GLN A 212 -41.12 19.48 -8.42
C GLN A 212 -41.51 19.92 -7.01
N GLU A 213 -40.63 19.64 -6.05
CA GLU A 213 -40.82 20.13 -4.69
C GLU A 213 -39.50 20.71 -4.22
N ASN A 214 -39.54 21.71 -3.33
CA ASN A 214 -38.31 22.22 -2.71
C ASN A 214 -37.73 21.27 -1.67
N VAL A 215 -36.41 21.21 -1.60
CA VAL A 215 -35.73 20.47 -0.55
C VAL A 215 -34.88 21.44 0.26
N GLU A 216 -34.25 20.90 1.30
CA GLU A 216 -33.37 21.61 2.20
C GLU A 216 -32.16 22.23 1.47
N ALA A 217 -31.72 23.40 1.92
CA ALA A 217 -30.56 24.08 1.35
C ALA A 217 -29.27 23.23 1.19
N GLU A 218 -29.16 22.12 1.92
CA GLU A 218 -27.93 21.33 1.91
C GLU A 218 -28.24 19.88 1.58
N ALA A 219 -29.41 19.68 0.96
CA ALA A 219 -29.78 18.36 0.46
C ALA A 219 -28.68 17.91 -0.49
N SER A 220 -28.26 16.65 -0.37
CA SER A 220 -27.12 16.26 -1.12
C SER A 220 -27.02 14.81 -1.52
N MET A 221 -27.78 13.94 -0.87
CA MET A 221 -27.78 12.51 -1.24
C MET A 221 -29.16 12.14 -1.70
N VAL A 222 -29.24 11.44 -2.82
CA VAL A 222 -30.50 10.91 -3.27
C VAL A 222 -30.46 9.41 -3.16
N ILE A 223 -31.43 8.84 -2.44
CA ILE A 223 -31.64 7.38 -2.42
C ILE A 223 -32.96 6.98 -3.07
N ALA A 224 -32.83 5.99 -3.95
CA ALA A 224 -33.95 5.36 -4.63
C ALA A 224 -34.33 4.03 -3.98
N VAL A 225 -35.51 3.97 -3.38
CA VAL A 225 -35.91 2.81 -2.61
C VAL A 225 -36.71 1.80 -3.42
N PRO A 226 -36.44 0.49 -3.26
CA PRO A 226 -37.01 -0.47 -4.20
C PRO A 226 -38.50 -0.81 -4.03
N GLU A 227 -39.01 -1.49 -5.06
CA GLU A 227 -40.43 -1.66 -5.37
C GLU A 227 -41.51 -1.77 -4.28
N PRO A 228 -41.24 -2.51 -3.19
CA PRO A 228 -42.26 -2.57 -2.13
C PRO A 228 -42.76 -1.18 -1.71
N PHE A 229 -41.85 -0.22 -1.62
CA PHE A 229 -42.18 1.16 -1.26
C PHE A 229 -42.07 2.07 -2.47
N GLY A 230 -40.91 2.02 -3.14
CA GLY A 230 -40.62 2.89 -4.27
C GLY A 230 -40.78 4.36 -3.94
N GLY A 231 -39.70 5.10 -3.97
CA GLY A 231 -39.80 6.54 -3.94
C GLY A 231 -38.38 7.04 -3.85
N ALA A 232 -38.22 8.21 -3.25
CA ALA A 232 -36.88 8.68 -3.03
C ALA A 232 -36.69 9.14 -1.61
N ILE A 233 -35.48 8.97 -1.10
CA ILE A 233 -35.14 9.57 0.17
C ILE A 233 -34.10 10.60 -0.10
N ILE A 234 -34.25 11.75 0.56
CA ILE A 234 -33.32 12.84 0.38
C ILE A 234 -32.62 13.22 1.70
N ILE A 235 -31.36 12.85 1.84
CA ILE A 235 -30.66 13.27 3.04
C ILE A 235 -30.02 14.64 2.87
N GLY A 236 -30.17 15.48 3.90
CA GLY A 236 -29.58 16.81 3.97
C GLY A 236 -28.80 17.00 5.26
N GLN A 237 -28.67 18.24 5.72
CA GLN A 237 -28.28 18.50 7.11
C GLN A 237 -29.60 18.62 7.88
N GLU A 238 -29.55 18.36 9.17
CA GLU A 238 -30.75 18.45 10.02
C GLU A 238 -32.08 17.94 9.45
N SER A 239 -32.08 17.19 8.35
CA SER A 239 -33.35 16.69 7.79
C SER A 239 -33.20 15.49 6.87
N ILE A 240 -34.11 14.52 6.97
CA ILE A 240 -34.20 13.41 5.98
C ILE A 240 -35.65 13.29 5.52
N THR A 241 -35.88 13.11 4.22
CA THR A 241 -37.24 13.19 3.71
C THR A 241 -37.53 12.17 2.64
N TYR A 242 -38.72 11.60 2.71
CA TYR A 242 -39.17 10.64 1.74
C TYR A 242 -40.12 11.30 0.77
N HIS A 243 -39.98 10.99 -0.52
CA HIS A 243 -40.75 11.61 -1.58
C HIS A 243 -41.24 10.55 -2.52
N ASN A 244 -42.54 10.52 -2.78
CA ASN A 244 -43.09 9.64 -3.81
C ASN A 244 -44.52 10.01 -4.21
N GLY A 245 -44.67 10.41 -5.46
CA GLY A 245 -45.91 11.00 -5.93
C GLY A 245 -46.15 12.14 -4.99
N ASP A 246 -47.39 12.25 -4.51
CA ASP A 246 -47.78 13.29 -3.56
C ASP A 246 -47.58 12.89 -2.09
N LYS A 247 -46.73 11.89 -1.85
CA LYS A 247 -46.39 11.46 -0.50
C LYS A 247 -45.08 12.09 0.00
N TYR A 248 -45.20 12.90 1.05
CA TYR A 248 -44.07 13.59 1.66
C TYR A 248 -43.92 13.15 3.08
N LEU A 249 -42.79 12.54 3.41
CA LEU A 249 -42.49 12.27 4.81
C LEU A 249 -41.20 12.96 5.16
N ALA A 250 -41.13 13.51 6.36
CA ALA A 250 -39.96 14.28 6.78
C ALA A 250 -39.61 14.10 8.24
N ILE A 251 -38.35 13.76 8.52
CA ILE A 251 -37.81 13.85 9.88
C ILE A 251 -36.62 14.79 10.02
N ALA A 252 -36.35 15.20 11.25
CA ALA A 252 -35.32 16.18 11.53
C ALA A 252 -34.65 15.90 12.85
N PRO A 253 -34.09 14.69 13.01
CA PRO A 253 -33.56 14.28 14.31
C PRO A 253 -32.27 15.02 14.63
N PRO A 254 -32.19 15.68 15.81
CA PRO A 254 -31.02 16.54 15.95
C PRO A 254 -29.72 15.74 15.93
N ILE A 255 -29.79 14.45 16.26
CA ILE A 255 -28.62 13.59 16.34
C ILE A 255 -27.78 13.69 15.08
N ILE A 256 -28.40 14.18 14.00
CA ILE A 256 -27.77 14.24 12.67
C ILE A 256 -27.28 15.63 12.30
N LYS A 257 -27.77 16.65 13.02
CA LYS A 257 -27.45 18.07 12.81
C LYS A 257 -25.98 18.46 12.81
N GLN A 258 -25.13 17.73 13.53
CA GLN A 258 -23.69 17.97 13.45
C GLN A 258 -23.22 17.33 12.15
N SER A 259 -22.05 16.69 12.16
CA SER A 259 -21.45 16.07 10.94
C SER A 259 -22.37 15.77 9.74
N THR A 260 -21.90 16.09 8.53
CA THR A 260 -22.64 15.76 7.29
C THR A 260 -22.68 14.28 7.12
N ILE A 261 -23.79 13.81 6.59
CA ILE A 261 -23.94 12.45 6.17
C ILE A 261 -23.30 12.32 4.76
N VAL A 262 -22.47 11.30 4.58
CA VAL A 262 -21.53 11.27 3.47
C VAL A 262 -21.64 10.03 2.57
N CYS A 263 -22.18 8.94 3.11
CA CYS A 263 -22.40 7.73 2.32
C CYS A 263 -23.50 6.90 2.92
N HIS A 264 -23.90 5.86 2.18
CA HIS A 264 -25.04 5.03 2.53
C HIS A 264 -25.00 3.71 1.80
N ASN A 265 -25.66 2.72 2.36
CA ASN A 265 -25.80 1.45 1.72
C ASN A 265 -27.14 0.88 2.18
N ARG A 266 -27.76 0.02 1.36
CA ARG A 266 -28.95 -0.68 1.88
C ARG A 266 -28.68 -2.10 2.33
N VAL A 267 -29.27 -2.37 3.49
CA VAL A 267 -29.06 -3.56 4.26
C VAL A 267 -29.96 -4.67 3.80
N ASP A 268 -31.24 -4.32 3.65
CA ASP A 268 -32.32 -5.25 3.43
C ASP A 268 -32.89 -4.92 2.07
N PRO A 269 -32.92 -5.89 1.13
CA PRO A 269 -33.39 -5.60 -0.22
C PRO A 269 -34.74 -4.87 -0.30
N ASN A 270 -35.70 -5.31 0.50
CA ASN A 270 -36.97 -4.57 0.76
C ASN A 270 -36.72 -3.08 0.88
N GLY A 271 -35.57 -2.73 1.48
CA GLY A 271 -35.13 -1.34 1.65
C GLY A 271 -35.78 -0.76 2.87
N SER A 272 -35.69 -1.50 3.97
CA SER A 272 -36.35 -1.07 5.18
C SER A 272 -35.29 -0.58 6.14
N ARG A 273 -34.06 -0.95 5.82
CA ARG A 273 -32.91 -0.44 6.56
C ARG A 273 -31.74 -0.11 5.65
N TYR A 274 -31.21 1.08 5.88
CA TYR A 274 -30.04 1.64 5.21
C TYR A 274 -29.02 1.98 6.28
N LEU A 275 -27.73 1.90 5.95
CA LEU A 275 -26.67 2.37 6.84
C LEU A 275 -26.29 3.76 6.39
N LEU A 276 -25.88 4.65 7.32
CA LEU A 276 -25.51 6.05 7.01
C LEU A 276 -24.17 6.39 7.63
N GLY A 277 -23.23 6.88 6.82
CA GLY A 277 -21.91 7.36 7.28
C GLY A 277 -21.65 8.87 7.36
N ASP A 278 -21.39 9.34 8.58
CA ASP A 278 -20.86 10.70 8.95
C ASP A 278 -19.44 10.97 8.52
N MET A 279 -19.08 12.26 8.49
CA MET A 279 -17.68 12.71 8.37
C MET A 279 -16.91 12.50 9.66
N GLU A 280 -17.58 12.00 10.68
CA GLU A 280 -16.95 11.93 11.99
C GLU A 280 -16.74 10.49 12.38
N GLY A 281 -17.20 9.63 11.49
CA GLY A 281 -17.21 8.21 11.77
C GLY A 281 -18.46 7.65 12.42
N ARG A 282 -19.46 8.47 12.76
CA ARG A 282 -20.73 7.98 13.33
C ARG A 282 -21.45 7.11 12.33
N LEU A 283 -21.94 5.95 12.74
CA LEU A 283 -22.71 5.12 11.82
C LEU A 283 -24.18 5.09 12.23
N PHE A 284 -25.09 5.24 11.29
CA PHE A 284 -26.50 5.26 11.64
C PHE A 284 -27.31 4.19 10.90
N MET A 285 -28.42 3.78 11.51
CA MET A 285 -29.36 2.96 10.82
C MET A 285 -30.53 3.81 10.46
N LEU A 286 -30.94 3.75 9.20
CA LEU A 286 -32.18 4.38 8.82
C LEU A 286 -33.19 3.27 8.60
N LEU A 287 -34.31 3.38 9.33
CA LEU A 287 -35.40 2.41 9.32
C LEU A 287 -36.63 3.05 8.70
N LEU A 288 -37.23 2.30 7.79
CA LEU A 288 -38.52 2.65 7.24
C LEU A 288 -39.51 1.62 7.79
N GLU A 289 -40.56 2.10 8.47
CA GLU A 289 -41.56 1.17 9.05
C GLU A 289 -42.74 0.93 8.10
N LYS A 290 -43.02 -0.35 7.81
CA LYS A 290 -44.03 -0.75 6.79
C LYS A 290 -45.47 -0.83 7.35
N GLU A 291 -46.46 -0.75 6.46
CA GLU A 291 -47.87 -0.87 6.87
C GLU A 291 -48.67 -1.72 5.89
N GLU A 292 -48.87 -2.98 6.26
CA GLU A 292 -49.75 -3.89 5.51
C GLU A 292 -51.18 -3.39 5.73
N GLN A 293 -51.87 -3.10 4.63
CA GLN A 293 -53.22 -2.56 4.70
C GLN A 293 -54.24 -3.60 4.25
N MET A 294 -54.95 -4.15 5.22
CA MET A 294 -55.96 -5.18 4.93
C MET A 294 -56.23 -5.29 3.44
N ASP A 295 -55.28 -5.87 2.72
CA ASP A 295 -55.40 -6.05 1.28
C ASP A 295 -55.20 -4.75 0.53
N GLY A 296 -53.96 -4.25 0.55
CA GLY A 296 -53.62 -3.01 -0.14
C GLY A 296 -52.13 -2.69 -0.21
N THR A 297 -51.32 -3.71 -0.53
CA THR A 297 -49.86 -3.60 -0.62
C THR A 297 -49.26 -3.09 0.71
N VAL A 298 -48.01 -2.63 0.64
CA VAL A 298 -47.34 -2.04 1.80
C VAL A 298 -47.05 -0.56 1.53
N THR A 299 -47.07 0.26 2.59
CA THR A 299 -46.69 1.68 2.52
C THR A 299 -45.75 2.11 3.65
N LEU A 300 -45.20 3.31 3.52
CA LEU A 300 -44.36 3.89 4.57
C LEU A 300 -45.20 4.64 5.58
N LYS A 301 -45.12 4.23 6.84
CA LYS A 301 -45.80 5.01 7.85
C LYS A 301 -44.88 6.11 8.34
N ASP A 302 -43.58 5.80 8.50
CA ASP A 302 -42.58 6.74 8.99
C ASP A 302 -41.12 6.33 8.72
N LEU A 303 -40.19 7.21 9.11
CA LEU A 303 -38.76 6.89 9.13
C LEU A 303 -38.20 7.12 10.54
N ARG A 304 -37.15 6.38 10.86
CA ARG A 304 -36.48 6.46 12.16
C ARG A 304 -34.96 6.33 11.96
N VAL A 305 -34.18 7.09 12.73
CA VAL A 305 -32.75 6.92 12.69
C VAL A 305 -32.20 6.40 14.02
N GLU A 306 -31.07 5.72 14.02
CA GLU A 306 -30.50 5.30 15.29
C GLU A 306 -29.01 5.18 15.18
N LEU A 307 -28.31 5.86 16.07
CA LEU A 307 -26.87 5.84 16.15
C LEU A 307 -26.33 4.47 16.58
N LEU A 308 -25.56 3.81 15.72
CA LEU A 308 -25.08 2.49 16.06
C LEU A 308 -23.73 2.56 16.77
N GLY A 309 -22.99 3.64 16.50
CA GLY A 309 -21.61 3.80 17.02
C GLY A 309 -20.72 4.48 16.02
N GLU A 310 -19.42 4.25 16.11
CA GLU A 310 -18.50 4.91 15.19
C GLU A 310 -17.55 3.97 14.40
N THR A 311 -17.20 4.32 13.11
CA THR A 311 -16.32 3.46 12.27
C THR A 311 -14.95 3.92 12.10
N SER A 312 -14.68 4.61 10.97
CA SER A 312 -13.37 5.24 10.71
C SER A 312 -14.11 6.03 9.54
N ILE A 313 -13.93 7.43 9.40
CA ILE A 313 -14.55 8.18 8.31
C ILE A 313 -14.58 7.23 7.11
N ALA A 314 -15.78 7.09 6.42
CA ALA A 314 -15.95 6.04 5.42
C ALA A 314 -16.15 6.67 4.06
N GLU A 315 -15.45 6.23 3.02
CA GLU A 315 -15.90 6.60 1.69
C GLU A 315 -17.10 5.73 1.41
N CYS A 316 -17.14 4.60 2.10
CA CYS A 316 -17.66 3.40 1.57
C CYS A 316 -18.21 2.52 2.66
N LEU A 317 -19.43 2.07 2.46
CA LEU A 317 -20.08 1.21 3.43
C LEU A 317 -20.82 0.04 2.76
N THR A 318 -20.34 -1.18 2.91
CA THR A 318 -21.05 -2.34 2.36
C THR A 318 -21.51 -3.34 3.43
N TYR A 319 -22.82 -3.34 3.71
CA TYR A 319 -23.44 -4.48 4.38
C TYR A 319 -23.11 -5.79 3.64
N LEU A 320 -22.39 -6.69 4.30
CA LEU A 320 -21.99 -7.91 3.64
C LEU A 320 -23.02 -9.01 3.89
N ASP A 321 -23.08 -9.50 5.12
CA ASP A 321 -24.08 -10.47 5.52
C ASP A 321 -23.91 -10.74 6.98
N ASN A 322 -25.00 -11.15 7.62
CA ASN A 322 -24.92 -11.69 8.97
C ASN A 322 -24.37 -10.65 9.92
N GLY A 323 -24.85 -9.41 9.74
CA GLY A 323 -24.36 -8.26 10.54
C GLY A 323 -22.87 -7.86 10.40
N VAL A 324 -22.20 -8.29 9.32
CA VAL A 324 -20.83 -7.85 9.06
C VAL A 324 -20.76 -6.78 7.97
N VAL A 325 -20.39 -5.56 8.36
CA VAL A 325 -20.21 -4.47 7.42
C VAL A 325 -18.72 -4.27 7.06
N PHE A 326 -18.48 -3.98 5.77
CA PHE A 326 -17.16 -3.54 5.39
C PHE A 326 -17.21 -2.04 5.29
N VAL A 327 -16.33 -1.38 6.07
CA VAL A 327 -16.16 0.09 6.07
C VAL A 327 -14.99 0.53 5.24
N GLY A 328 -15.28 1.06 4.05
CA GLY A 328 -14.23 1.47 3.12
C GLY A 328 -13.80 2.86 3.46
N SER A 329 -12.53 3.05 3.78
CA SER A 329 -12.11 4.35 4.27
C SER A 329 -10.95 4.92 3.45
N ARG A 330 -10.79 6.21 3.60
CA ARG A 330 -9.92 6.90 2.71
C ARG A 330 -8.99 7.83 3.52
N LEU A 331 -9.52 8.35 4.63
CA LEU A 331 -8.82 9.23 5.55
C LEU A 331 -8.31 8.43 6.72
N GLY A 332 -8.67 7.15 6.76
CA GLY A 332 -8.26 6.25 7.84
C GLY A 332 -8.13 4.81 7.38
N ASP A 333 -7.93 3.89 8.34
CA ASP A 333 -7.80 2.47 7.99
C ASP A 333 -9.18 1.96 7.64
N SER A 334 -9.29 1.12 6.62
CA SER A 334 -10.56 0.49 6.34
C SER A 334 -10.73 -0.65 7.36
N GLN A 335 -11.90 -1.30 7.36
CA GLN A 335 -12.16 -2.28 8.40
C GLN A 335 -13.42 -3.10 8.16
N LEU A 336 -13.40 -4.32 8.72
CA LEU A 336 -14.60 -5.15 8.88
C LEU A 336 -15.22 -4.87 10.21
N VAL A 337 -16.53 -4.79 10.24
CA VAL A 337 -17.21 -4.46 11.49
C VAL A 337 -18.49 -5.33 11.68
N LYS A 338 -18.76 -5.75 12.92
CA LYS A 338 -19.96 -6.50 13.18
C LYS A 338 -20.98 -5.64 13.87
N LEU A 339 -22.15 -5.50 13.26
CA LEU A 339 -23.27 -4.80 13.89
C LEU A 339 -23.97 -5.76 14.82
N ASN A 340 -24.14 -5.37 16.07
CA ASN A 340 -24.82 -6.24 17.01
C ASN A 340 -26.19 -5.75 17.37
N VAL A 341 -27.05 -6.66 17.81
CA VAL A 341 -28.40 -6.30 18.27
C VAL A 341 -28.38 -5.61 19.61
N ASP A 342 -27.66 -6.17 20.57
CA ASP A 342 -27.49 -5.50 21.87
C ASP A 342 -26.28 -4.56 21.89
N SER A 343 -26.46 -3.39 22.50
CA SER A 343 -25.40 -2.42 22.56
C SER A 343 -24.47 -2.86 23.64
N ASN A 344 -23.27 -3.34 23.30
CA ASN A 344 -22.30 -3.80 24.31
C ASN A 344 -21.88 -2.67 25.28
N GLU A 345 -20.81 -2.90 26.03
CA GLU A 345 -20.15 -1.82 26.76
C GLU A 345 -20.04 -0.52 25.91
N GLN A 346 -19.83 0.61 26.59
CA GLN A 346 -19.74 1.93 25.93
C GLN A 346 -21.06 2.33 25.28
N GLY A 347 -21.95 1.36 25.03
CA GLY A 347 -23.27 1.62 24.51
C GLY A 347 -23.14 1.77 23.03
N SER A 348 -22.27 0.92 22.48
CA SER A 348 -22.04 0.78 21.06
C SER A 348 -22.62 -0.51 20.46
N TYR A 349 -23.36 -0.38 19.35
CA TYR A 349 -23.83 -1.54 18.63
C TYR A 349 -22.79 -2.03 17.62
N VAL A 350 -21.70 -1.26 17.49
CA VAL A 350 -20.65 -1.55 16.51
C VAL A 350 -19.44 -2.13 17.20
N VAL A 351 -18.98 -3.26 16.71
CA VAL A 351 -17.81 -3.87 17.27
C VAL A 351 -16.94 -4.17 16.10
N ALA A 352 -15.67 -3.72 16.15
CA ALA A 352 -14.72 -3.92 15.04
C ALA A 352 -14.23 -5.34 15.10
N MET A 353 -14.16 -6.02 13.96
CA MET A 353 -13.61 -7.36 13.87
C MET A 353 -12.21 -7.25 13.30
N GLU A 354 -12.06 -6.44 12.25
CA GLU A 354 -10.85 -6.39 11.47
C GLU A 354 -10.52 -4.99 10.94
N THR A 355 -9.22 -4.70 10.91
CA THR A 355 -8.72 -3.41 10.46
C THR A 355 -7.79 -3.43 9.24
N PHE A 356 -7.97 -2.53 8.28
CA PHE A 356 -7.04 -2.52 7.13
C PHE A 356 -6.19 -1.25 6.89
N THR A 357 -4.89 -1.45 7.01
CA THR A 357 -3.88 -0.40 6.84
C THR A 357 -4.05 0.48 5.62
N ASN A 358 -4.27 1.76 5.86
CA ASN A 358 -4.30 2.74 4.80
C ASN A 358 -3.29 3.77 5.15
N LEU A 359 -2.38 4.03 4.24
CA LEU A 359 -1.54 5.21 4.46
C LEU A 359 -2.24 6.58 4.32
N GLY A 360 -3.57 6.56 4.13
CA GLY A 360 -4.50 7.69 4.40
C GLY A 360 -3.99 8.69 3.45
N PRO A 361 -4.44 9.94 3.54
CA PRO A 361 -3.61 10.89 2.77
C PRO A 361 -2.24 10.97 3.40
N ILE A 362 -1.21 10.66 2.65
CA ILE A 362 0.12 11.03 3.10
C ILE A 362 0.35 12.51 2.95
N VAL A 363 0.19 13.23 4.05
CA VAL A 363 0.20 14.69 4.03
C VAL A 363 1.64 15.23 3.95
N ASP A 364 2.58 14.70 4.73
CA ASP A 364 3.96 15.13 4.68
C ASP A 364 4.80 13.92 5.12
N MET A 365 6.10 13.88 4.80
CA MET A 365 6.97 12.74 5.23
C MET A 365 8.48 13.05 5.35
N CYS A 366 9.28 12.20 6.01
CA CYS A 366 10.73 12.30 5.85
C CYS A 366 11.41 10.95 6.01
N VAL A 367 12.52 10.75 5.31
CA VAL A 367 13.28 9.51 5.43
C VAL A 367 14.32 9.60 6.56
N VAL A 368 14.48 8.51 7.31
CA VAL A 368 15.40 8.46 8.44
C VAL A 368 16.01 7.06 8.62
N ASP A 369 17.33 6.98 8.74
CA ASP A 369 18.01 5.72 9.08
C ASP A 369 17.73 5.49 10.55
N LEU A 370 16.52 5.07 10.86
CA LEU A 370 16.06 5.09 12.24
C LEU A 370 16.86 4.22 13.22
N GLU A 371 16.89 2.92 12.98
CA GLU A 371 17.63 2.05 13.91
C GLU A 371 19.12 1.95 13.58
N ARG A 372 19.73 3.12 13.35
CA ARG A 372 21.12 3.27 12.92
C ARG A 372 21.69 2.12 12.08
N GLN A 373 21.00 1.82 10.99
CA GLN A 373 21.48 0.91 10.00
C GLN A 373 21.54 1.74 8.74
N GLY A 374 22.59 1.57 7.93
CA GLY A 374 22.70 2.32 6.68
C GLY A 374 21.55 2.15 5.68
N GLN A 375 20.34 1.89 6.16
CA GLN A 375 19.15 1.72 5.30
C GLN A 375 18.28 2.99 5.19
N GLY A 376 17.12 2.85 4.56
CA GLY A 376 16.12 3.91 4.53
C GLY A 376 14.79 3.47 5.11
N GLN A 377 14.27 4.25 6.05
CA GLN A 377 12.96 4.03 6.64
C GLN A 377 12.07 5.23 6.40
N LEU A 378 10.79 5.06 6.23
CA LEU A 378 10.00 6.24 5.93
C LEU A 378 8.96 6.54 7.01
N VAL A 379 8.85 7.80 7.44
CA VAL A 379 7.81 8.16 8.42
C VAL A 379 6.91 9.23 7.89
N THR A 380 5.60 8.97 7.99
CA THR A 380 4.60 9.79 7.31
C THR A 380 3.61 10.37 8.28
N CYS A 381 3.18 11.57 7.97
CA CYS A 381 1.97 12.10 8.50
C CYS A 381 0.85 11.56 7.65
N SER A 382 -0.12 10.84 8.26
CA SER A 382 -1.22 10.17 7.52
C SER A 382 -2.51 10.30 8.21
N GLY A 383 -3.59 10.40 7.42
CA GLY A 383 -4.97 10.47 7.91
C GLY A 383 -5.38 11.91 8.11
N ALA A 384 -6.65 12.13 8.56
CA ALA A 384 -7.12 13.44 9.07
C ALA A 384 -7.94 13.17 10.34
N PHE A 385 -8.13 14.18 11.13
CA PHE A 385 -9.01 14.10 12.25
C PHE A 385 -8.70 12.97 13.24
N LYS A 386 -9.79 12.38 13.82
CA LYS A 386 -9.67 11.45 14.88
C LYS A 386 -9.03 10.09 14.29
N GLU A 387 -8.73 10.23 12.95
CA GLU A 387 -7.95 9.15 12.03
C GLU A 387 -6.44 9.34 11.73
N GLY A 388 -5.95 10.47 12.20
CA GLY A 388 -4.53 10.80 11.93
C GLY A 388 -3.53 9.92 12.68
N SER A 389 -2.36 9.80 12.13
CA SER A 389 -1.33 8.95 12.72
C SER A 389 0.01 9.25 12.12
N LEU A 390 1.04 8.65 12.68
CA LEU A 390 2.25 8.49 11.89
C LEU A 390 2.33 7.05 11.44
N ARG A 391 3.00 6.86 10.31
CA ARG A 391 3.29 5.51 9.84
C ARG A 391 4.79 5.33 9.61
N ILE A 392 5.36 4.26 10.16
CA ILE A 392 6.75 4.01 9.86
C ILE A 392 6.84 2.88 8.86
N ILE A 393 7.51 3.12 7.74
CA ILE A 393 7.64 2.13 6.69
C ILE A 393 9.08 1.67 6.50
N ARG A 394 9.32 0.39 6.74
CA ARG A 394 10.68 -0.20 6.63
C ARG A 394 10.65 -1.21 5.49
N ASN A 395 11.78 -1.37 4.82
CA ASN A 395 11.91 -2.28 3.71
C ASN A 395 12.43 -3.65 4.19
N GLY A 396 11.93 -4.75 3.62
CA GLY A 396 12.37 -6.08 4.00
C GLY A 396 11.80 -6.66 5.29
N ILE A 397 12.02 -7.95 5.52
CA ILE A 397 11.75 -8.60 6.81
C ILE A 397 13.02 -8.48 7.65
N GLY A 398 12.88 -8.19 8.94
CA GLY A 398 14.04 -8.13 9.82
C GLY A 398 13.98 -9.19 10.90
N ILE A 399 15.08 -9.34 11.65
CA ILE A 399 15.12 -10.21 12.84
C ILE A 399 15.97 -9.60 13.95
N HIS A 400 15.47 -9.66 15.19
CA HIS A 400 16.18 -9.05 16.33
C HIS A 400 16.96 -10.13 17.08
N GLU A 401 18.18 -9.78 17.47
CA GLU A 401 19.18 -10.77 17.91
C GLU A 401 19.31 -10.90 19.42
N HIS A 402 19.32 -12.15 19.87
CA HIS A 402 19.41 -12.53 21.29
C HIS A 402 20.87 -12.83 21.66
N ALA A 403 21.40 -13.96 21.17
CA ALA A 403 22.81 -14.31 21.33
C ALA A 403 23.59 -14.27 20.02
N SER A 404 24.88 -14.02 20.15
CA SER A 404 25.80 -14.07 19.02
C SER A 404 27.12 -14.71 19.45
N ILE A 405 27.39 -15.88 18.87
CA ILE A 405 28.61 -16.65 19.12
C ILE A 405 29.40 -16.76 17.83
N ASP A 406 30.71 -16.57 17.93
CA ASP A 406 31.59 -16.68 16.76
C ASP A 406 32.13 -18.10 16.63
N LEU A 407 32.15 -18.61 15.38
CA LEU A 407 32.65 -19.95 15.06
C LEU A 407 32.72 -20.16 13.53
N PRO A 408 33.77 -19.61 12.87
CA PRO A 408 34.00 -19.56 11.41
C PRO A 408 33.82 -20.88 10.65
N GLY A 409 33.55 -20.78 9.36
CA GLY A 409 33.52 -21.93 8.44
C GLY A 409 32.67 -23.14 8.84
N ILE A 410 31.55 -22.89 9.52
CA ILE A 410 30.50 -23.88 9.72
C ILE A 410 29.95 -24.30 8.37
N LYS A 411 29.52 -25.56 8.26
CA LYS A 411 28.91 -26.02 7.02
C LYS A 411 27.60 -26.80 7.19
N GLY A 412 26.92 -26.61 8.31
CA GLY A 412 25.59 -27.22 8.50
C GLY A 412 25.12 -27.28 9.92
N LEU A 413 23.80 -27.12 10.13
CA LEU A 413 23.22 -27.25 11.46
C LEU A 413 21.76 -27.71 11.53
N TRP A 414 21.55 -28.55 12.53
CA TRP A 414 20.26 -29.16 12.84
C TRP A 414 20.01 -29.00 14.33
N PRO A 415 18.74 -28.72 14.72
CA PRO A 415 18.28 -28.51 16.11
C PRO A 415 18.44 -29.79 16.95
N LEU A 416 17.99 -29.79 18.21
CA LEU A 416 18.11 -31.01 19.06
C LEU A 416 17.55 -30.94 20.50
N ARG A 417 16.38 -31.55 20.67
CA ARG A 417 15.76 -31.68 21.98
C ARG A 417 16.30 -32.93 22.67
N SER A 418 16.58 -32.80 23.98
CA SER A 418 17.26 -33.85 24.76
C SER A 418 16.29 -34.64 25.67
N ASP A 419 15.12 -35.00 25.11
CA ASP A 419 14.07 -35.76 25.83
C ASP A 419 12.99 -36.24 24.85
N PRO A 420 12.38 -37.41 25.11
CA PRO A 420 11.35 -37.87 24.15
C PRO A 420 9.95 -37.25 24.37
N ASN A 421 9.92 -36.03 24.91
CA ASN A 421 8.66 -35.42 25.35
C ASN A 421 8.51 -33.93 25.02
N ARG A 422 9.41 -33.13 25.60
CA ARG A 422 9.28 -31.67 25.69
C ARG A 422 10.01 -30.91 24.57
N GLU A 423 9.24 -30.30 23.67
CA GLU A 423 9.79 -29.66 22.45
C GLU A 423 10.58 -28.37 22.70
N THR A 424 11.13 -28.22 23.91
CA THR A 424 12.09 -27.16 24.21
C THR A 424 13.52 -27.70 24.02
N TYR A 425 13.82 -28.05 22.77
CA TYR A 425 15.16 -28.48 22.33
C TYR A 425 16.29 -27.78 23.11
N ASP A 426 17.27 -28.54 23.60
CA ASP A 426 18.31 -27.96 24.46
C ASP A 426 19.75 -28.21 23.96
N THR A 427 19.87 -28.68 22.72
CA THR A 427 21.17 -28.99 22.11
C THR A 427 21.21 -28.54 20.66
N LEU A 428 22.39 -28.15 20.22
CA LEU A 428 22.61 -27.85 18.80
C LEU A 428 23.98 -28.36 18.39
N VAL A 429 24.07 -28.89 17.17
CA VAL A 429 25.32 -29.51 16.70
C VAL A 429 25.71 -28.99 15.31
N LEU A 430 26.94 -28.46 15.25
CA LEU A 430 27.51 -27.88 14.03
C LEU A 430 28.35 -28.89 13.27
N SER A 431 28.15 -28.97 11.96
CA SER A 431 29.11 -29.67 11.10
C SER A 431 30.14 -28.68 10.60
N PHE A 432 31.42 -29.05 10.73
CA PHE A 432 32.49 -28.30 10.09
C PHE A 432 33.07 -29.18 8.99
N VAL A 433 34.11 -28.68 8.33
CA VAL A 433 34.79 -29.38 7.22
C VAL A 433 34.80 -30.88 7.39
N GLY A 434 35.54 -31.36 8.37
CA GLY A 434 35.62 -32.79 8.61
C GLY A 434 35.40 -33.09 10.07
N GLN A 435 34.63 -32.23 10.75
CA GLN A 435 34.43 -32.38 12.19
C GLN A 435 32.97 -32.27 12.59
N THR A 436 32.73 -32.38 13.90
CA THR A 436 31.40 -32.23 14.52
C THR A 436 31.55 -32.02 16.04
N ARG A 437 31.47 -30.76 16.48
CA ARG A 437 31.43 -30.42 17.92
C ARG A 437 30.00 -30.18 18.42
N VAL A 438 29.69 -30.73 19.58
CA VAL A 438 28.33 -30.69 20.13
C VAL A 438 28.23 -29.68 21.28
N LEU A 439 27.02 -29.17 21.51
CA LEU A 439 26.77 -28.12 22.50
C LEU A 439 25.75 -28.52 23.59
N MET A 440 25.16 -27.51 24.23
CA MET A 440 24.12 -27.69 25.25
C MET A 440 23.47 -26.34 25.56
N LEU A 441 22.27 -26.35 26.14
CA LEU A 441 21.58 -25.10 26.50
C LEU A 441 20.97 -25.13 27.90
N ASN A 442 21.60 -24.39 28.82
CA ASN A 442 21.07 -24.17 30.17
C ASN A 442 20.08 -22.99 30.18
N GLY A 443 19.72 -22.51 29.00
CA GLY A 443 18.82 -21.38 28.85
C GLY A 443 19.38 -20.33 27.93
N GLU A 444 20.27 -19.50 28.47
CA GLU A 444 20.90 -18.45 27.69
C GLU A 444 22.35 -18.84 27.40
N GLU A 445 22.78 -19.96 27.97
CA GLU A 445 24.15 -20.44 27.85
C GLU A 445 24.39 -21.51 26.78
N VAL A 446 25.64 -21.62 26.33
CA VAL A 446 26.05 -22.64 25.35
C VAL A 446 27.39 -23.28 25.71
N GLU A 447 27.34 -24.40 26.43
CA GLU A 447 28.52 -25.19 26.79
C GLU A 447 28.72 -26.26 25.70
N GLU A 448 29.94 -26.79 25.56
CA GLU A 448 30.25 -27.64 24.40
C GLU A 448 30.97 -29.00 24.57
N THR A 449 30.31 -29.98 25.21
CA THR A 449 30.81 -31.38 25.14
C THR A 449 29.85 -32.29 24.38
N GLU A 450 30.37 -33.41 23.92
CA GLU A 450 29.62 -34.34 23.06
C GLU A 450 28.73 -35.29 23.85
N LEU A 451 28.03 -36.17 23.14
CA LEU A 451 27.25 -37.26 23.73
C LEU A 451 27.92 -38.60 23.42
N MET A 452 27.46 -39.67 24.07
CA MET A 452 28.00 -41.02 23.82
C MET A 452 27.52 -41.59 22.48
N GLY A 453 28.46 -41.81 21.57
CA GLY A 453 28.17 -42.38 20.26
C GLY A 453 27.97 -41.38 19.14
N PHE A 454 28.56 -40.19 19.28
CA PHE A 454 28.52 -39.15 18.26
C PHE A 454 29.91 -38.89 17.68
N VAL A 455 30.12 -39.33 16.43
CA VAL A 455 31.39 -39.07 15.76
C VAL A 455 31.64 -37.56 15.81
N ASP A 456 32.88 -37.21 16.10
CA ASP A 456 33.28 -35.82 16.27
C ASP A 456 34.50 -35.51 15.41
N ASP A 457 34.92 -36.52 14.65
CA ASP A 457 35.95 -36.33 13.61
C ASP A 457 35.37 -36.63 12.23
N GLN A 458 34.04 -36.66 12.15
CA GLN A 458 33.32 -36.81 10.87
C GLN A 458 32.33 -35.66 10.64
N GLN A 459 32.36 -35.12 9.43
CA GLN A 459 31.39 -34.11 9.01
C GLN A 459 30.02 -34.76 8.87
N THR A 460 29.06 -34.18 9.58
CA THR A 460 27.67 -34.66 9.61
C THR A 460 26.89 -34.00 8.47
N PHE A 461 25.93 -34.74 7.91
CA PHE A 461 24.95 -34.18 6.98
C PHE A 461 23.54 -34.30 7.57
N PHE A 462 23.45 -34.61 8.86
CA PHE A 462 22.16 -34.66 9.54
C PHE A 462 22.28 -34.83 11.05
N CYS A 463 21.46 -34.09 11.79
CA CYS A 463 21.46 -34.11 13.25
C CYS A 463 20.03 -33.92 13.77
N GLY A 464 19.13 -34.81 13.35
CA GLY A 464 17.70 -34.69 13.69
C GLY A 464 17.20 -35.58 14.82
N ASN A 465 15.93 -36.00 14.72
CA ASN A 465 15.29 -36.89 15.72
C ASN A 465 14.51 -38.02 15.01
N VAL A 466 14.50 -39.23 15.59
CA VAL A 466 13.82 -40.38 14.94
C VAL A 466 12.62 -41.03 15.68
N ALA A 467 12.81 -42.25 16.16
CA ALA A 467 11.79 -43.00 16.89
C ALA A 467 12.41 -43.84 18.02
N HIS A 468 11.65 -44.02 19.10
CA HIS A 468 12.06 -44.82 20.27
C HIS A 468 13.20 -44.19 21.05
N GLN A 469 12.94 -43.00 21.62
CA GLN A 469 13.94 -42.23 22.40
C GLN A 469 15.31 -42.22 21.72
N GLN A 470 15.35 -41.79 20.46
CA GLN A 470 16.52 -41.96 19.57
C GLN A 470 16.96 -40.73 18.75
N LEU A 471 18.27 -40.60 18.54
CA LEU A 471 18.90 -39.44 17.90
C LEU A 471 19.70 -39.84 16.65
N ILE A 472 19.18 -39.53 15.46
CA ILE A 472 19.86 -39.87 14.20
C ILE A 472 21.10 -39.00 13.95
N GLN A 473 22.14 -39.61 13.38
CA GLN A 473 23.27 -38.84 12.85
C GLN A 473 23.73 -39.48 11.56
N ILE A 474 23.35 -38.93 10.41
CA ILE A 474 23.83 -39.45 9.14
C ILE A 474 25.11 -38.73 8.78
N THR A 475 26.22 -39.14 9.36
CA THR A 475 27.53 -38.59 9.01
C THR A 475 27.98 -39.25 7.69
N SER A 476 28.94 -38.63 7.01
CA SER A 476 29.41 -39.10 5.70
C SER A 476 30.10 -40.46 5.82
N ALA A 477 30.68 -40.68 6.98
CA ALA A 477 31.31 -41.94 7.34
C ALA A 477 30.27 -43.06 7.29
N SER A 478 29.18 -42.89 8.04
CA SER A 478 28.17 -43.95 8.21
C SER A 478 26.91 -43.45 8.92
N VAL A 479 25.74 -43.75 8.35
CA VAL A 479 24.46 -43.47 9.00
C VAL A 479 24.39 -44.27 10.30
N ARG A 480 24.34 -43.55 11.42
CA ARG A 480 24.45 -44.13 12.77
C ARG A 480 23.18 -43.90 13.60
N LEU A 481 23.06 -44.65 14.70
CA LEU A 481 21.92 -44.50 15.59
C LEU A 481 22.35 -44.46 17.07
N VAL A 482 21.84 -43.47 17.79
CA VAL A 482 22.14 -43.30 19.21
C VAL A 482 20.86 -42.98 19.99
N SER A 483 20.46 -43.90 20.87
CA SER A 483 19.31 -43.69 21.73
C SER A 483 19.67 -42.77 22.90
N GLN A 484 18.66 -42.14 23.50
CA GLN A 484 18.89 -41.13 24.52
C GLN A 484 18.93 -41.72 25.92
N GLU A 485 17.84 -42.36 26.34
CA GLU A 485 17.80 -43.02 27.64
C GLU A 485 18.73 -44.24 27.64
N PRO A 486 18.60 -45.16 26.65
CA PRO A 486 19.62 -46.19 26.53
C PRO A 486 21.03 -45.66 26.17
N LYS A 487 21.13 -44.39 25.78
CA LYS A 487 22.41 -43.71 25.49
C LYS A 487 23.43 -44.60 24.79
N ALA A 488 22.98 -45.32 23.76
CA ALA A 488 23.82 -46.31 23.11
C ALA A 488 23.67 -46.31 21.60
N LEU A 489 24.74 -46.75 20.94
CA LEU A 489 24.75 -46.97 19.51
C LEU A 489 23.88 -48.19 19.16
N VAL A 490 22.56 -47.96 19.00
CA VAL A 490 21.59 -49.04 18.74
C VAL A 490 21.61 -49.58 17.29
N SER A 491 22.54 -49.09 16.47
CA SER A 491 22.64 -49.49 15.06
C SER A 491 23.76 -48.70 14.36
N GLU A 492 24.29 -49.28 13.27
CA GLU A 492 25.29 -48.61 12.43
C GLU A 492 25.33 -49.21 11.03
N TRP A 493 24.86 -48.43 10.06
CA TRP A 493 24.89 -48.83 8.65
C TRP A 493 26.15 -48.29 8.01
N LYS A 494 26.71 -49.04 7.07
CA LYS A 494 27.80 -48.56 6.23
C LYS A 494 27.61 -49.05 4.79
N GLU A 495 28.40 -48.49 3.88
CA GLU A 495 28.28 -48.78 2.46
C GLU A 495 29.06 -50.06 2.13
N PRO A 496 28.37 -51.06 1.53
CA PRO A 496 28.92 -52.38 1.23
C PRO A 496 30.37 -52.37 0.71
N GLN A 497 30.78 -51.27 0.07
CA GLN A 497 32.13 -51.13 -0.50
C GLN A 497 33.07 -50.18 0.27
N ALA A 498 32.64 -49.73 1.46
CA ALA A 498 33.39 -48.73 2.20
C ALA A 498 33.53 -47.43 1.40
N LYS A 499 32.57 -47.17 0.51
CA LYS A 499 32.44 -45.88 -0.18
C LYS A 499 31.76 -44.87 0.78
N ASN A 500 32.34 -43.66 0.92
CA ASN A 500 31.71 -42.59 1.74
C ASN A 500 30.39 -42.10 1.13
N ILE A 501 29.44 -41.69 1.98
CA ILE A 501 28.11 -41.23 1.52
C ILE A 501 28.15 -39.76 1.02
N SER A 502 27.17 -39.37 0.18
CA SER A 502 27.16 -38.07 -0.52
C SER A 502 26.03 -37.09 -0.14
N VAL A 503 24.79 -37.40 -0.56
CA VAL A 503 23.62 -36.57 -0.28
C VAL A 503 22.72 -37.31 0.69
N ALA A 504 22.21 -36.58 1.69
CA ALA A 504 21.27 -37.15 2.67
C ALA A 504 19.81 -36.91 2.28
N SER A 505 18.91 -37.22 3.21
CA SER A 505 17.46 -36.94 3.10
C SER A 505 16.78 -37.68 4.25
N CYS A 506 16.24 -36.94 5.22
CA CYS A 506 15.81 -37.54 6.50
C CYS A 506 14.69 -36.76 7.20
N ASN A 507 13.49 -37.34 7.23
CA ASN A 507 12.37 -36.68 7.91
C ASN A 507 12.33 -36.86 9.45
N SER A 508 11.78 -37.97 9.92
CA SER A 508 11.62 -38.26 11.34
C SER A 508 11.60 -39.77 11.52
N SER A 509 10.96 -40.44 10.56
CA SER A 509 10.75 -41.88 10.57
C SER A 509 11.30 -42.56 9.30
N GLN A 510 11.96 -41.77 8.45
CA GLN A 510 12.49 -42.28 7.17
C GLN A 510 13.90 -41.77 6.83
N VAL A 511 14.59 -42.49 5.94
CA VAL A 511 15.94 -42.13 5.46
C VAL A 511 16.08 -42.48 3.97
N VAL A 512 16.72 -41.60 3.20
CA VAL A 512 17.13 -41.83 1.79
C VAL A 512 18.49 -41.18 1.42
N VAL A 513 19.59 -41.85 1.74
CA VAL A 513 20.95 -41.40 1.36
C VAL A 513 21.23 -41.54 -0.15
N ALA A 514 22.48 -41.23 -0.53
CA ALA A 514 22.97 -41.49 -1.88
C ALA A 514 24.49 -41.52 -1.87
N VAL A 515 25.05 -42.44 -2.64
CA VAL A 515 26.50 -42.60 -2.73
C VAL A 515 26.85 -42.51 -4.22
N GLY A 516 26.68 -41.29 -4.76
CA GLY A 516 26.94 -40.94 -6.17
C GLY A 516 25.67 -40.94 -7.01
N ARG A 517 25.44 -42.04 -7.74
CA ARG A 517 24.33 -42.10 -8.73
C ARG A 517 23.59 -43.20 -7.96
N ALA A 518 24.24 -43.77 -6.95
CA ALA A 518 23.65 -44.80 -6.11
C ALA A 518 22.69 -44.23 -5.07
N LEU A 519 21.79 -45.08 -4.59
CA LEU A 519 20.77 -44.71 -3.63
C LEU A 519 20.43 -45.91 -2.77
N TYR A 520 20.46 -45.74 -1.45
CA TYR A 520 20.03 -46.78 -0.52
C TYR A 520 18.92 -46.23 0.38
N TYR A 521 17.82 -46.97 0.49
CA TYR A 521 16.70 -46.60 1.38
C TYR A 521 16.66 -47.50 2.62
N LEU A 522 16.99 -46.92 3.77
CA LEU A 522 17.04 -47.66 5.05
C LEU A 522 15.79 -47.36 5.93
N GLN A 523 15.65 -48.03 7.09
CA GLN A 523 14.49 -47.80 7.96
C GLN A 523 14.78 -47.87 9.47
N ILE A 524 14.19 -46.95 10.24
CA ILE A 524 14.38 -46.90 11.71
C ILE A 524 13.17 -47.50 12.47
N HIS A 525 12.74 -48.69 12.05
CA HIS A 525 11.75 -49.43 12.82
C HIS A 525 12.44 -50.05 14.04
N PRO A 526 11.67 -50.50 15.05
CA PRO A 526 12.18 -50.80 16.37
C PRO A 526 13.69 -50.98 16.51
N GLN A 527 14.38 -49.87 16.78
CA GLN A 527 15.73 -49.84 17.37
C GLN A 527 16.89 -50.33 16.48
N GLU A 528 16.73 -50.23 15.17
CA GLU A 528 17.78 -50.68 14.22
C GLU A 528 17.55 -50.27 12.76
N LEU A 529 18.53 -50.57 11.91
CA LEU A 529 18.53 -50.19 10.50
C LEU A 529 18.06 -51.31 9.57
N ARG A 530 17.50 -50.93 8.41
CA ARG A 530 16.80 -51.88 7.53
C ARG A 530 16.83 -51.49 6.04
N GLN A 531 17.81 -52.02 5.30
CA GLN A 531 18.01 -51.73 3.86
C GLN A 531 16.84 -52.20 2.97
N ILE A 532 15.90 -51.29 2.73
CA ILE A 532 14.70 -51.53 1.95
C ILE A 532 14.96 -51.53 0.44
N SER A 533 15.86 -50.66 -0.04
CA SER A 533 16.01 -50.44 -1.50
C SER A 533 17.43 -50.11 -1.98
N HIS A 534 17.58 -50.06 -3.31
CA HIS A 534 18.80 -49.65 -4.00
C HIS A 534 18.59 -49.51 -5.52
N THR A 535 18.69 -48.28 -6.02
CA THR A 535 18.79 -47.98 -7.46
C THR A 535 20.00 -47.08 -7.71
N GLU A 536 20.51 -47.11 -8.94
CA GLU A 536 21.57 -46.22 -9.40
C GLU A 536 21.01 -45.26 -10.46
N MET A 537 21.32 -43.97 -10.31
CA MET A 537 20.81 -42.92 -11.21
C MET A 537 21.67 -42.70 -12.46
N GLU A 538 21.06 -42.09 -13.48
CA GLU A 538 21.73 -41.82 -14.73
C GLU A 538 23.02 -41.04 -14.54
N HIS A 539 22.99 -40.11 -13.58
CA HIS A 539 24.08 -39.18 -13.32
C HIS A 539 24.27 -39.03 -11.83
N GLU A 540 25.27 -38.26 -11.44
CA GLU A 540 25.54 -38.02 -10.04
C GLU A 540 24.42 -37.22 -9.38
N VAL A 541 24.15 -37.53 -8.12
CA VAL A 541 23.07 -36.91 -7.42
C VAL A 541 23.55 -35.64 -6.71
N ALA A 542 22.96 -34.51 -7.07
CA ALA A 542 23.29 -33.25 -6.46
C ALA A 542 22.54 -33.09 -5.17
N CYS A 543 21.23 -33.33 -5.21
CA CYS A 543 20.37 -33.01 -4.07
C CYS A 543 19.07 -33.83 -4.02
N LEU A 544 18.56 -33.97 -2.80
CA LEU A 544 17.43 -34.83 -2.47
C LEU A 544 16.52 -34.15 -1.46
N ASP A 545 15.30 -34.67 -1.32
CA ASP A 545 14.37 -34.20 -0.29
C ASP A 545 13.22 -35.18 -0.03
N ILE A 546 12.92 -35.39 1.26
CA ILE A 546 11.79 -36.25 1.68
C ILE A 546 11.13 -35.80 3.00
N THR A 547 9.81 -35.63 2.96
CA THR A 547 8.99 -35.20 4.10
C THR A 547 7.53 -35.60 3.87
N PRO A 548 6.88 -36.22 4.89
CA PRO A 548 5.43 -36.49 4.84
C PRO A 548 4.64 -35.28 4.35
N LEU A 549 4.05 -35.40 3.16
CA LEU A 549 3.34 -34.28 2.54
C LEU A 549 1.82 -34.27 2.79
N GLY A 550 1.37 -34.93 3.86
CA GLY A 550 -0.02 -34.91 4.28
C GLY A 550 -0.56 -36.23 4.81
N ASP A 551 -0.95 -37.11 3.88
CA ASP A 551 -1.68 -38.36 4.19
C ASP A 551 -0.91 -39.37 5.06
N SER A 552 0.29 -38.98 5.49
CA SER A 552 1.05 -39.78 6.46
C SER A 552 1.76 -38.84 7.44
N ASN A 553 2.36 -39.42 8.48
CA ASN A 553 3.06 -38.66 9.51
C ASN A 553 4.48 -39.21 9.76
N GLY A 554 5.26 -39.35 8.68
CA GLY A 554 6.63 -39.83 8.79
C GLY A 554 7.06 -40.60 7.56
N LEU A 555 6.16 -41.46 7.07
CA LEU A 555 6.39 -42.22 5.84
C LEU A 555 6.20 -41.34 4.61
N SER A 556 7.30 -40.92 4.00
CA SER A 556 7.29 -40.06 2.80
C SER A 556 6.92 -40.84 1.52
N PRO A 557 5.78 -40.47 0.89
CA PRO A 557 5.25 -41.17 -0.29
C PRO A 557 6.16 -41.02 -1.51
N LEU A 558 6.44 -39.76 -1.89
CA LEU A 558 7.32 -39.44 -3.02
C LEU A 558 8.65 -38.77 -2.59
N CYS A 559 9.49 -38.42 -3.57
CA CYS A 559 10.74 -37.70 -3.30
C CYS A 559 11.12 -36.74 -4.43
N ALA A 560 12.02 -35.79 -4.13
CA ALA A 560 12.52 -34.89 -5.15
C ALA A 560 14.03 -35.05 -5.26
N ILE A 561 14.57 -34.89 -6.49
CA ILE A 561 16.00 -35.15 -6.75
C ILE A 561 16.67 -34.24 -7.77
N GLY A 562 17.80 -33.66 -7.34
CA GLY A 562 18.67 -32.91 -8.23
C GLY A 562 19.79 -33.77 -8.77
N LEU A 563 19.97 -33.70 -10.09
CA LEU A 563 21.01 -34.46 -10.79
C LEU A 563 22.27 -33.65 -11.08
N TRP A 564 23.20 -34.22 -11.82
CA TRP A 564 24.46 -33.51 -12.09
C TRP A 564 24.75 -33.17 -13.54
N THR A 565 24.57 -34.10 -14.48
CA THR A 565 25.02 -33.77 -15.83
C THR A 565 23.90 -33.11 -16.61
N ASP A 566 22.73 -33.73 -16.61
CA ASP A 566 21.61 -33.21 -17.38
C ASP A 566 20.93 -32.02 -16.69
N ILE A 567 21.45 -31.60 -15.53
CA ILE A 567 20.94 -30.46 -14.78
C ILE A 567 19.44 -30.55 -14.71
N SER A 568 18.97 -31.55 -13.99
CA SER A 568 17.55 -31.87 -13.99
C SER A 568 17.01 -32.15 -12.60
N ALA A 569 15.72 -31.87 -12.45
CA ALA A 569 14.98 -32.25 -11.23
C ALA A 569 13.94 -33.35 -11.50
N ARG A 570 13.73 -34.22 -10.52
CA ARG A 570 12.79 -35.31 -10.73
C ARG A 570 11.95 -35.73 -9.51
N ILE A 571 10.88 -36.46 -9.80
CA ILE A 571 9.99 -37.03 -8.81
C ILE A 571 10.15 -38.54 -8.88
N LEU A 572 10.17 -39.21 -7.72
CA LEU A 572 10.28 -40.66 -7.67
C LEU A 572 9.41 -41.27 -6.55
N LYS A 573 8.95 -42.52 -6.76
CA LYS A 573 8.19 -43.25 -5.75
C LYS A 573 9.16 -44.06 -4.90
N LEU A 574 9.22 -43.69 -3.62
CA LEU A 574 10.32 -44.05 -2.70
C LEU A 574 10.51 -45.52 -2.25
N PRO A 575 9.42 -46.28 -2.02
CA PRO A 575 9.65 -47.70 -1.69
C PRO A 575 10.32 -48.48 -2.84
N SER A 576 10.34 -47.88 -4.03
CA SER A 576 10.83 -48.51 -5.28
C SER A 576 11.92 -47.72 -6.02
N PHE A 577 11.98 -46.41 -5.77
CA PHE A 577 12.83 -45.43 -6.51
C PHE A 577 12.51 -45.35 -8.01
N GLU A 578 11.31 -45.77 -8.40
CA GLU A 578 10.97 -45.91 -9.81
C GLU A 578 10.75 -44.58 -10.54
N LEU A 579 11.67 -44.25 -11.44
CA LEU A 579 11.62 -43.04 -12.24
C LEU A 579 10.20 -42.69 -12.70
N LEU A 580 9.67 -41.57 -12.22
CA LEU A 580 8.36 -41.07 -12.65
C LEU A 580 8.49 -39.96 -13.70
N HIS A 581 8.22 -38.72 -13.28
CA HIS A 581 8.44 -37.54 -14.12
C HIS A 581 9.66 -36.71 -13.70
N LYS A 582 10.42 -36.31 -14.72
CA LYS A 582 11.67 -35.60 -14.58
C LYS A 582 11.67 -34.41 -15.54
N GLU A 583 12.26 -33.31 -15.09
CA GLU A 583 12.32 -32.07 -15.88
C GLU A 583 13.73 -31.52 -15.94
N MET A 584 14.23 -31.41 -17.16
CA MET A 584 15.51 -30.78 -17.45
C MET A 584 15.31 -29.28 -17.31
N LEU A 585 16.30 -28.61 -16.73
CA LEU A 585 16.37 -27.15 -16.78
C LEU A 585 17.54 -26.75 -17.65
N GLY A 586 17.50 -25.52 -18.13
CA GLY A 586 18.52 -24.99 -19.01
C GLY A 586 19.85 -24.88 -18.32
N GLY A 587 20.91 -24.83 -19.11
CA GLY A 587 22.24 -24.60 -18.56
C GLY A 587 22.83 -25.85 -17.95
N GLU A 588 23.96 -25.63 -17.27
CA GLU A 588 24.79 -26.71 -16.75
C GLU A 588 25.47 -26.41 -15.39
N ILE A 589 24.93 -25.45 -14.65
CA ILE A 589 25.32 -25.21 -13.26
C ILE A 589 24.44 -26.14 -12.46
N ILE A 590 25.01 -26.70 -11.39
CA ILE A 590 24.37 -27.73 -10.54
C ILE A 590 23.20 -27.24 -9.63
N PRO A 591 22.14 -28.07 -9.51
CA PRO A 591 21.12 -27.85 -8.47
C PRO A 591 21.75 -27.89 -7.09
N ARG A 592 21.59 -26.85 -6.28
CA ARG A 592 22.10 -26.90 -4.91
C ARG A 592 21.13 -27.59 -3.97
N SER A 593 19.87 -27.19 -4.07
CA SER A 593 18.89 -27.67 -3.14
C SER A 593 17.61 -27.93 -3.87
N ILE A 594 16.83 -28.84 -3.32
CA ILE A 594 15.47 -29.08 -3.78
C ILE A 594 14.57 -29.27 -2.56
N LEU A 595 13.31 -28.84 -2.68
CA LEU A 595 12.38 -28.82 -1.54
C LEU A 595 10.89 -28.88 -1.87
N MET A 596 10.23 -29.82 -1.20
CA MET A 596 8.78 -29.99 -1.22
C MET A 596 8.16 -29.47 0.09
N THR A 597 7.11 -28.65 0.01
CA THR A 597 6.45 -28.12 1.22
C THR A 597 4.92 -28.10 1.15
N THR A 598 4.28 -28.40 2.29
CA THR A 598 2.81 -28.40 2.43
C THR A 598 2.35 -27.01 2.87
N PHE A 599 1.67 -26.28 1.99
CA PHE A 599 1.15 -24.96 2.37
C PHE A 599 -0.35 -24.97 2.63
N GLU A 600 -1.14 -24.68 1.60
CA GLU A 600 -2.59 -24.75 1.71
C GLU A 600 -3.21 -25.51 0.54
N SER A 601 -3.38 -24.83 -0.59
CA SER A 601 -4.04 -25.40 -1.78
C SER A 601 -3.21 -25.26 -3.06
N SER A 602 -1.91 -25.49 -2.93
CA SER A 602 -0.99 -25.82 -4.02
C SER A 602 0.25 -26.43 -3.35
N HIS A 603 0.38 -27.75 -3.44
CA HIS A 603 1.57 -28.46 -2.92
C HIS A 603 2.77 -28.08 -3.80
N TYR A 604 3.80 -27.49 -3.20
CA TYR A 604 4.89 -26.91 -3.97
C TYR A 604 6.23 -27.68 -3.89
N LEU A 605 7.01 -27.55 -4.97
CA LEU A 605 8.40 -27.97 -5.00
C LEU A 605 9.27 -27.07 -5.88
N LEU A 606 10.44 -26.73 -5.38
CA LEU A 606 11.31 -25.75 -6.05
C LEU A 606 12.74 -26.27 -6.12
N CYS A 607 13.56 -25.58 -6.89
CA CYS A 607 14.94 -25.99 -7.06
C CYS A 607 15.87 -24.78 -7.13
N ALA A 608 16.81 -24.69 -6.21
CA ALA A 608 17.83 -23.67 -6.30
C ALA A 608 19.00 -24.25 -7.03
N LEU A 609 19.53 -23.50 -7.98
CA LEU A 609 20.82 -23.84 -8.55
C LEU A 609 21.96 -23.21 -7.77
N GLY A 610 23.07 -22.98 -8.43
CA GLY A 610 24.30 -22.62 -7.72
C GLY A 610 24.91 -21.31 -8.16
N ASP A 611 24.48 -20.84 -9.33
CA ASP A 611 24.85 -19.51 -9.79
C ASP A 611 24.05 -18.51 -8.99
N GLY A 612 22.91 -18.96 -8.47
CA GLY A 612 22.06 -18.15 -7.61
C GLY A 612 20.62 -18.11 -8.08
N ALA A 613 20.38 -18.77 -9.21
CA ALA A 613 19.05 -18.88 -9.80
C ALA A 613 18.13 -19.83 -9.04
N LEU A 614 16.83 -19.65 -9.23
CA LEU A 614 15.85 -20.56 -8.66
C LEU A 614 14.72 -20.72 -9.66
N PHE A 615 14.16 -21.92 -9.73
CA PHE A 615 12.97 -22.21 -10.53
C PHE A 615 11.93 -22.83 -9.63
N TYR A 616 10.65 -22.57 -9.92
CA TYR A 616 9.58 -23.06 -9.06
C TYR A 616 8.47 -23.82 -9.76
N PHE A 617 8.03 -24.90 -9.09
CA PHE A 617 6.95 -25.75 -9.59
C PHE A 617 6.05 -26.32 -8.47
N GLY A 618 4.77 -26.00 -8.54
CA GLY A 618 3.77 -26.72 -7.75
C GLY A 618 3.61 -28.09 -8.37
N LEU A 619 2.83 -28.94 -7.71
CA LEU A 619 2.60 -30.32 -8.14
C LEU A 619 1.57 -31.01 -7.23
N ASN A 620 1.25 -32.26 -7.55
CA ASN A 620 0.34 -33.07 -6.73
C ASN A 620 1.18 -34.02 -5.89
N ILE A 621 0.95 -34.08 -4.58
CA ILE A 621 1.64 -35.08 -3.74
C ILE A 621 1.17 -36.47 -4.15
N GLU A 622 0.02 -36.51 -4.80
CA GLU A 622 -0.61 -37.74 -5.26
C GLU A 622 0.07 -38.24 -6.55
N THR A 623 0.27 -37.32 -7.51
CA THR A 623 0.82 -37.68 -8.82
C THR A 623 1.98 -36.75 -9.29
N GLY A 624 1.66 -35.74 -10.10
CA GLY A 624 2.65 -34.80 -10.62
C GLY A 624 2.34 -34.11 -11.94
N LEU A 625 2.09 -32.80 -11.87
CA LEU A 625 1.84 -31.98 -13.05
C LEU A 625 2.76 -30.76 -13.08
N LEU A 626 3.60 -30.65 -14.12
CA LEU A 626 4.53 -29.53 -14.30
C LEU A 626 3.85 -28.16 -14.28
N SER A 627 4.02 -27.44 -13.16
CA SER A 627 3.36 -26.15 -12.90
C SER A 627 4.06 -24.90 -13.44
N ASP A 628 3.93 -23.80 -12.69
CA ASP A 628 4.33 -22.46 -13.14
C ASP A 628 5.83 -22.31 -13.33
N ARG A 629 6.23 -21.78 -14.48
CA ARG A 629 7.65 -21.57 -14.71
C ARG A 629 8.02 -20.11 -14.95
N LYS A 630 8.65 -19.52 -13.94
CA LYS A 630 9.33 -18.22 -14.08
C LYS A 630 10.60 -18.18 -13.25
N LYS A 631 11.73 -18.32 -13.93
CA LYS A 631 13.06 -18.19 -13.34
C LYS A 631 13.17 -16.85 -12.56
N VAL A 632 13.21 -16.97 -11.24
CA VAL A 632 13.26 -15.81 -10.33
C VAL A 632 14.58 -15.79 -9.55
N THR A 633 15.60 -15.13 -10.11
CA THR A 633 16.92 -15.09 -9.45
C THR A 633 16.85 -14.47 -8.05
N LEU A 634 17.91 -14.67 -7.26
CA LEU A 634 18.00 -14.14 -5.91
C LEU A 634 19.40 -13.65 -5.65
N GLY A 635 20.13 -14.33 -4.77
CA GLY A 635 21.59 -14.11 -4.64
C GLY A 635 22.46 -14.60 -5.81
N THR A 636 23.77 -14.40 -5.65
CA THR A 636 24.73 -14.95 -6.63
C THR A 636 25.35 -16.22 -6.06
N GLN A 637 25.08 -16.46 -4.78
CA GLN A 637 25.51 -17.68 -4.11
C GLN A 637 24.43 -18.73 -4.19
N PRO A 638 24.84 -20.00 -4.29
CA PRO A 638 23.90 -21.11 -4.30
C PRO A 638 22.97 -21.06 -3.10
N THR A 639 21.69 -20.85 -3.39
CA THR A 639 20.62 -20.85 -2.42
C THR A 639 20.36 -22.21 -1.76
N VAL A 640 20.22 -22.22 -0.44
CA VAL A 640 19.87 -23.44 0.24
C VAL A 640 18.53 -23.30 0.95
N LEU A 641 17.53 -23.97 0.41
CA LEU A 641 16.19 -23.94 0.96
C LEU A 641 16.06 -24.55 2.37
N ARG A 642 14.88 -24.41 2.97
CA ARG A 642 14.62 -24.85 4.36
C ARG A 642 13.17 -24.60 4.79
N THR A 643 12.71 -25.38 5.77
CA THR A 643 11.39 -25.21 6.40
C THR A 643 11.50 -24.89 7.88
N PHE A 644 10.64 -23.98 8.34
CA PHE A 644 10.59 -23.50 9.72
C PHE A 644 9.15 -23.42 10.23
N ARG A 645 8.97 -23.01 11.49
CA ARG A 645 7.63 -22.76 12.03
C ARG A 645 7.46 -21.29 12.44
N SER A 646 6.26 -20.75 12.18
CA SER A 646 5.94 -19.34 12.43
C SER A 646 4.55 -19.12 13.05
N LEU A 647 3.73 -18.30 12.39
CA LEU A 647 2.35 -18.00 12.81
C LEU A 647 1.38 -19.15 12.50
N SER A 648 0.37 -18.91 11.65
CA SER A 648 -0.51 -20.00 11.20
C SER A 648 0.19 -20.80 10.10
N THR A 649 0.34 -20.20 8.92
CA THR A 649 1.07 -20.82 7.82
C THR A 649 2.57 -20.68 8.07
N THR A 650 3.32 -21.73 7.75
CA THR A 650 4.77 -21.76 7.96
C THR A 650 5.45 -21.84 6.57
N ASN A 651 6.69 -21.34 6.43
CA ASN A 651 7.24 -21.05 5.07
C ASN A 651 8.63 -21.62 4.64
N VAL A 652 9.02 -21.25 3.42
CA VAL A 652 10.35 -21.53 2.83
C VAL A 652 11.29 -20.35 3.04
N PHE A 653 12.46 -20.63 3.61
CA PHE A 653 13.50 -19.62 3.81
C PHE A 653 14.73 -19.85 2.93
N ALA A 654 14.87 -19.02 1.90
CA ALA A 654 16.04 -19.00 1.01
C ALA A 654 17.34 -18.53 1.69
N CYS A 655 18.33 -19.41 1.75
CA CYS A 655 19.65 -19.06 2.26
C CYS A 655 20.67 -18.76 1.16
N SER A 656 21.21 -17.54 1.18
CA SER A 656 22.28 -17.17 0.27
C SER A 656 22.87 -15.81 0.65
N ASP A 657 23.62 -15.20 -0.25
CA ASP A 657 24.10 -13.82 -0.07
C ASP A 657 22.92 -12.82 -0.09
N ARG A 658 21.80 -13.21 -0.70
CA ARG A 658 20.58 -12.41 -0.69
C ARG A 658 19.44 -13.15 0.04
N PRO A 659 19.52 -13.22 1.39
CA PRO A 659 18.55 -13.96 2.21
C PRO A 659 17.13 -13.53 1.88
N THR A 660 16.35 -14.49 1.37
CA THR A 660 15.00 -14.21 0.90
C THR A 660 14.03 -15.06 1.68
N VAL A 661 12.77 -14.68 1.72
CA VAL A 661 11.77 -15.53 2.36
C VAL A 661 10.61 -15.64 1.43
N ILE A 662 10.15 -16.86 1.20
CA ILE A 662 9.04 -17.05 0.28
C ILE A 662 7.75 -17.44 1.03
N TYR A 663 6.79 -16.51 0.99
CA TYR A 663 5.54 -16.60 1.75
C TYR A 663 4.38 -17.11 0.87
N SER A 664 3.20 -16.54 1.08
CA SER A 664 2.01 -16.83 0.30
C SER A 664 1.16 -15.58 0.04
N SER A 665 1.07 -15.17 -1.23
CA SER A 665 0.34 -13.96 -1.63
C SER A 665 -1.15 -14.20 -1.75
N ASN A 666 -1.73 -13.89 -2.90
CA ASN A 666 -3.13 -14.18 -3.18
C ASN A 666 -3.41 -15.60 -2.68
N HIS A 667 -2.77 -16.56 -3.36
CA HIS A 667 -2.61 -17.92 -2.90
C HIS A 667 -1.29 -18.29 -3.55
N LYS A 668 -0.67 -17.22 -4.08
CA LYS A 668 0.67 -17.18 -4.65
C LYS A 668 1.70 -17.22 -3.51
N LEU A 669 2.91 -16.70 -3.76
CA LEU A 669 4.06 -16.80 -2.84
C LEU A 669 4.80 -15.46 -2.74
N VAL A 670 5.11 -15.04 -1.50
CA VAL A 670 5.72 -13.72 -1.27
C VAL A 670 7.23 -13.75 -1.41
N PHE A 671 7.77 -12.67 -1.96
CA PHE A 671 9.21 -12.46 -2.06
C PHE A 671 9.59 -11.20 -1.27
N SER A 672 10.19 -11.42 -0.10
CA SER A 672 10.81 -10.32 0.64
C SER A 672 12.29 -10.58 0.94
N ASN A 673 13.07 -9.50 0.96
CA ASN A 673 14.41 -9.53 1.51
C ASN A 673 14.32 -9.74 3.00
N VAL A 674 15.32 -10.42 3.52
CA VAL A 674 15.50 -10.55 4.95
C VAL A 674 16.64 -9.60 5.19
N ASN A 675 16.49 -8.69 6.12
CA ASN A 675 17.49 -7.64 6.29
C ASN A 675 18.70 -8.10 7.08
N LEU A 676 19.48 -8.97 6.45
CA LEU A 676 20.66 -9.53 7.06
C LEU A 676 21.81 -9.54 6.08
N LYS A 677 23.02 -9.66 6.64
CA LYS A 677 24.27 -9.60 5.88
C LYS A 677 24.30 -10.71 4.81
N GLU A 678 24.23 -11.96 5.28
CA GLU A 678 24.18 -13.14 4.44
C GLU A 678 24.04 -14.31 5.38
N VAL A 679 23.07 -15.18 5.11
CA VAL A 679 22.94 -16.47 5.82
C VAL A 679 23.24 -17.61 4.83
N ASN A 680 23.73 -18.74 5.34
CA ASN A 680 24.00 -19.90 4.48
C ASN A 680 23.25 -21.13 4.94
N TYR A 681 23.15 -21.29 6.25
CA TYR A 681 22.37 -22.35 6.83
C TYR A 681 21.50 -21.75 7.92
N MET A 682 20.28 -22.23 8.02
CA MET A 682 19.27 -21.69 8.93
C MET A 682 18.29 -22.78 9.39
N CYS A 683 18.20 -22.98 10.70
CA CYS A 683 17.26 -23.96 11.25
C CYS A 683 16.30 -23.36 12.27
N PRO A 684 15.04 -23.88 12.32
CA PRO A 684 13.98 -23.34 13.17
C PRO A 684 14.22 -23.70 14.63
N LEU A 685 13.39 -23.20 15.54
CA LEU A 685 13.59 -23.46 16.97
C LEU A 685 12.32 -23.36 17.85
N ASN A 686 12.50 -23.59 19.16
CA ASN A 686 11.43 -23.53 20.18
C ASN A 686 11.92 -23.78 21.62
N SER A 687 13.20 -23.45 21.89
CA SER A 687 13.95 -23.90 23.08
C SER A 687 13.48 -23.43 24.47
N ASP A 688 14.28 -23.78 25.50
CA ASP A 688 14.07 -23.35 26.89
C ASP A 688 15.01 -22.19 27.22
N GLY A 689 15.62 -21.64 26.17
CA GLY A 689 16.42 -20.44 26.29
C GLY A 689 16.06 -19.43 25.22
N TYR A 690 15.50 -19.93 24.12
CA TYR A 690 15.04 -19.11 23.00
C TYR A 690 13.84 -19.76 22.30
N PRO A 691 12.66 -19.82 22.96
CA PRO A 691 11.43 -20.38 22.33
C PRO A 691 11.05 -19.74 20.97
N ASP A 692 9.94 -20.16 20.37
CA ASP A 692 9.67 -19.88 18.92
C ASP A 692 10.59 -18.82 18.27
N SER A 693 11.56 -19.30 17.52
CA SER A 693 12.64 -18.47 16.98
C SER A 693 13.24 -19.14 15.73
N LEU A 694 14.54 -18.89 15.50
CA LEU A 694 15.30 -19.40 14.35
C LEU A 694 16.82 -19.33 14.61
N ALA A 695 17.58 -20.18 13.94
CA ALA A 695 19.03 -20.21 14.09
C ALA A 695 19.70 -20.00 12.74
N LEU A 696 20.85 -19.33 12.73
CA LEU A 696 21.44 -18.78 11.49
C LEU A 696 22.97 -18.64 11.51
N ALA A 697 23.65 -19.14 10.48
CA ALA A 697 25.11 -18.99 10.44
C ALA A 697 25.63 -18.25 9.21
N ASN A 698 26.46 -17.25 9.45
CA ASN A 698 27.08 -16.48 8.37
C ASN A 698 28.52 -16.95 8.13
N ASN A 699 29.34 -16.06 7.55
CA ASN A 699 30.78 -16.23 7.45
C ASN A 699 31.39 -16.97 8.65
N SER A 700 31.05 -16.48 9.83
CA SER A 700 31.70 -16.91 11.06
C SER A 700 30.88 -16.69 12.32
N THR A 701 29.61 -16.34 12.18
CA THR A 701 28.78 -16.05 13.34
C THR A 701 27.57 -16.98 13.36
N LEU A 702 27.10 -17.30 14.56
CA LEU A 702 25.83 -17.98 14.70
C LEU A 702 24.87 -17.05 15.44
N THR A 703 23.59 -17.10 15.08
CA THR A 703 22.60 -16.19 15.64
C THR A 703 21.22 -16.85 15.84
N ILE A 704 20.39 -16.25 16.71
CA ILE A 704 19.09 -16.80 17.15
C ILE A 704 18.04 -15.74 17.56
N GLY A 705 16.99 -15.57 16.76
CA GLY A 705 15.99 -14.50 16.98
C GLY A 705 14.57 -14.80 16.51
N THR A 706 13.74 -13.76 16.36
CA THR A 706 12.37 -13.97 15.85
C THR A 706 12.01 -13.17 14.60
N ILE A 707 11.62 -13.90 13.55
CA ILE A 707 11.12 -13.30 12.33
C ILE A 707 10.07 -12.21 12.58
N ASP A 708 10.11 -11.16 11.74
CA ASP A 708 9.19 -10.02 11.80
C ASP A 708 7.88 -10.37 11.10
N GLU A 709 7.12 -9.37 10.70
CA GLU A 709 5.84 -9.60 10.03
C GLU A 709 5.91 -10.62 8.87
N ILE A 710 5.70 -10.13 7.64
CA ILE A 710 5.40 -10.96 6.51
C ILE A 710 5.68 -10.18 5.24
N GLN A 711 5.10 -8.99 5.10
CA GLN A 711 5.08 -8.26 3.81
C GLN A 711 6.47 -7.88 3.22
N LYS A 712 6.49 -7.42 1.98
CA LYS A 712 7.72 -6.91 1.38
C LYS A 712 8.07 -5.52 1.95
N LEU A 713 7.05 -4.77 2.37
CA LEU A 713 7.23 -3.56 3.22
C LEU A 713 6.56 -3.77 4.57
N HIS A 714 7.23 -3.35 5.62
CA HIS A 714 6.76 -3.57 6.98
C HIS A 714 6.31 -2.22 7.62
N ILE A 715 5.07 -2.19 8.16
CA ILE A 715 4.43 -0.94 8.59
C ILE A 715 3.98 -0.77 10.03
N ARG A 716 4.72 0.01 10.80
CA ARG A 716 4.27 0.48 12.11
C ARG A 716 3.17 1.55 12.03
N THR A 717 2.24 1.57 12.99
CA THR A 717 1.26 2.65 13.06
C THR A 717 1.26 3.33 14.43
N VAL A 718 1.09 4.66 14.42
CA VAL A 718 1.09 5.44 15.63
C VAL A 718 -0.16 6.35 15.63
N PRO A 719 -1.24 5.88 16.24
CA PRO A 719 -2.49 6.58 16.34
C PRO A 719 -2.22 7.93 17.00
N LEU A 720 -2.64 9.03 16.36
CA LEU A 720 -2.55 10.32 17.04
C LEU A 720 -3.96 10.76 17.47
N TYR A 721 -5.01 10.17 16.87
CA TYR A 721 -6.35 10.52 17.37
C TYR A 721 -6.72 12.03 16.99
N GLU A 722 -5.84 12.69 16.20
CA GLU A 722 -5.99 14.08 15.62
C GLU A 722 -5.22 14.15 14.35
N SER A 723 -5.17 15.36 13.78
CA SER A 723 -4.56 15.60 12.42
C SER A 723 -3.09 15.97 12.39
N PRO A 724 -2.21 15.18 11.74
CA PRO A 724 -0.84 15.66 11.64
C PRO A 724 -0.59 16.46 10.34
N ARG A 725 0.18 17.54 10.41
CA ARG A 725 0.38 18.37 9.23
C ARG A 725 1.79 18.39 8.68
N LYS A 726 2.80 18.33 9.55
CA LYS A 726 4.17 18.51 9.10
C LYS A 726 5.09 17.70 9.97
N ILE A 727 6.25 17.35 9.45
CA ILE A 727 7.16 16.54 10.26
C ILE A 727 8.68 16.85 10.03
N CYS A 728 9.45 17.05 11.08
CA CYS A 728 10.89 17.22 10.94
C CYS A 728 11.69 16.36 11.88
N TYR A 729 12.68 15.65 11.36
CA TYR A 729 13.52 14.81 12.22
C TYR A 729 14.62 15.66 12.87
N GLN A 730 14.92 15.43 14.15
CA GLN A 730 16.05 16.10 14.80
C GLN A 730 17.04 15.07 15.32
N GLU A 731 18.09 14.87 14.54
CA GLU A 731 19.11 13.90 14.86
C GLU A 731 19.67 14.08 16.25
N VAL A 732 20.18 15.28 16.56
CA VAL A 732 20.87 15.54 17.84
C VAL A 732 19.97 15.38 19.05
N SER A 733 18.66 15.47 18.86
CA SER A 733 17.68 15.24 19.92
C SER A 733 17.10 13.83 19.85
N GLN A 734 17.45 13.11 18.79
CA GLN A 734 16.95 11.78 18.58
C GLN A 734 15.43 11.80 18.73
N CYS A 735 14.78 12.81 18.18
CA CYS A 735 13.31 12.86 18.19
C CYS A 735 12.70 13.47 16.93
N PHE A 736 11.37 13.57 16.92
CA PHE A 736 10.62 14.22 15.82
C PHE A 736 9.88 15.47 16.25
N GLY A 737 9.54 16.34 15.32
CA GLY A 737 8.70 17.48 15.65
C GLY A 737 7.49 17.37 14.75
N VAL A 738 6.29 17.53 15.28
CA VAL A 738 5.15 17.33 14.41
C VAL A 738 4.10 18.38 14.68
N LEU A 739 3.68 19.13 13.65
CA LEU A 739 2.54 20.00 13.83
C LEU A 739 1.28 19.23 13.61
N SER A 740 0.34 19.32 14.56
CA SER A 740 -0.99 18.78 14.42
C SER A 740 -2.03 19.83 14.84
N SER A 741 -3.30 19.50 14.58
CA SER A 741 -4.41 20.36 14.91
C SER A 741 -5.52 19.48 15.39
N ARG A 742 -6.42 20.03 16.19
CA ARG A 742 -7.55 19.26 16.62
C ARG A 742 -8.76 20.12 16.61
N ILE A 743 -9.92 19.51 16.51
CA ILE A 743 -11.13 20.28 16.51
C ILE A 743 -11.72 20.30 17.89
N GLU A 744 -11.88 21.49 18.43
CA GLU A 744 -12.67 21.67 19.64
C GLU A 744 -13.95 22.41 19.32
N VAL A 745 -14.91 22.43 20.24
CA VAL A 745 -16.21 23.04 19.96
C VAL A 745 -16.71 23.82 21.16
N GLN A 746 -17.70 24.69 20.91
CA GLN A 746 -18.34 25.51 21.94
C GLN A 746 -18.74 24.73 23.20
N ASP A 747 -18.65 25.39 24.34
CA ASP A 747 -19.14 24.86 25.62
C ASP A 747 -20.12 25.87 26.22
N THR A 748 -20.67 25.54 27.40
CA THR A 748 -21.50 26.48 28.17
C THR A 748 -20.76 27.81 28.31
N SER A 749 -19.46 27.74 28.60
CA SER A 749 -18.60 28.90 28.76
C SER A 749 -18.35 29.64 27.45
N GLY A 750 -18.87 29.08 26.36
CA GLY A 750 -18.58 29.58 25.01
C GLY A 750 -17.22 29.07 24.52
N GLY A 751 -16.32 28.81 25.48
CA GLY A 751 -14.97 28.30 25.22
C GLY A 751 -14.96 26.91 24.63
N THR A 752 -13.82 26.53 24.05
CA THR A 752 -13.70 25.25 23.34
C THR A 752 -13.49 24.06 24.28
N THR A 753 -14.07 22.92 23.93
CA THR A 753 -13.97 21.76 24.82
C THR A 753 -13.03 20.69 24.28
N ALA A 754 -13.54 19.77 23.45
CA ALA A 754 -12.76 18.64 22.90
C ALA A 754 -13.68 17.46 22.64
N LEU A 755 -13.59 16.87 21.47
CA LEU A 755 -14.45 15.73 21.13
C LEU A 755 -13.92 14.42 21.73
N ARG A 756 -12.60 14.29 21.87
CA ARG A 756 -11.99 13.07 22.36
C ARG A 756 -10.51 13.31 22.69
N PRO A 757 -9.88 12.41 23.46
CA PRO A 757 -8.50 12.71 23.82
C PRO A 757 -7.60 12.39 22.64
N SER A 758 -6.51 13.11 22.50
CA SER A 758 -5.68 12.91 21.31
C SER A 758 -4.24 13.13 21.73
N ALA A 759 -3.30 12.99 20.80
CA ALA A 759 -1.86 13.20 21.07
C ALA A 759 -1.59 14.40 21.94
N SER A 760 -2.17 15.53 21.55
CA SER A 760 -1.85 16.79 22.18
C SER A 760 -2.51 16.98 23.56
N THR A 761 -3.49 16.17 23.89
CA THR A 761 -4.10 16.30 25.18
C THR A 761 -3.56 15.23 26.14
N GLN A 762 -3.00 14.16 25.59
CA GLN A 762 -2.59 13.02 26.40
C GLN A 762 -1.07 12.90 26.51
N ALA A 763 -0.38 13.97 26.11
CA ALA A 763 1.09 13.99 26.08
C ALA A 763 1.65 13.87 27.46
N LEU A 764 2.84 13.28 27.55
CA LEU A 764 3.55 13.14 28.80
C LEU A 764 3.92 14.48 29.44
N SER A 765 4.08 15.53 28.64
CA SER A 765 4.22 16.87 29.18
C SER A 765 3.75 17.85 28.12
N SER A 766 3.32 19.02 28.59
CA SER A 766 2.67 19.96 27.74
C SER A 766 3.06 21.36 28.15
N SER A 767 2.50 22.38 27.50
CA SER A 767 2.85 23.79 27.66
C SER A 767 2.07 24.59 26.65
N VAL A 768 1.92 25.88 26.89
CA VAL A 768 1.01 26.70 26.09
C VAL A 768 1.72 27.97 25.64
N SER A 769 1.11 28.73 24.74
CA SER A 769 1.77 29.94 24.29
C SER A 769 1.32 31.08 25.18
N SER A 770 2.31 31.77 25.74
CA SER A 770 2.04 32.89 26.63
C SER A 770 2.52 34.21 26.04
N SER A 771 2.63 34.27 24.72
CA SER A 771 3.01 35.51 24.05
C SER A 771 1.96 36.57 24.26
N LYS A 772 2.44 37.78 24.46
CA LYS A 772 1.59 38.93 24.63
C LYS A 772 1.73 39.77 23.38
N LEU A 773 2.36 39.18 22.35
CA LEU A 773 2.54 39.81 21.03
C LEU A 773 1.31 40.36 20.35
N PHE A 774 0.11 39.99 20.80
CA PHE A 774 -1.10 40.52 20.15
C PHE A 774 -2.12 41.26 21.04
N SER A 775 -2.72 42.27 20.42
CA SER A 775 -3.91 42.96 20.89
C SER A 775 -4.61 43.43 19.62
N SER A 776 -5.05 42.47 18.81
CA SER A 776 -5.66 42.75 17.50
C SER A 776 -7.06 43.34 17.64
N GLY A 786 -21.67 25.03 19.35
CA GLY A 786 -22.39 25.84 18.37
C GLY A 786 -21.49 26.16 17.20
N GLU A 787 -20.19 26.31 17.48
CA GLU A 787 -19.17 26.63 16.49
C GLU A 787 -17.91 25.76 16.69
N GLU A 788 -17.15 25.52 15.62
CA GLU A 788 -15.93 24.70 15.67
C GLU A 788 -14.63 25.51 15.65
N VAL A 789 -13.62 25.02 16.36
CA VAL A 789 -12.31 25.66 16.46
C VAL A 789 -11.19 24.66 16.11
N GLU A 790 -10.08 25.16 15.60
CA GLU A 790 -8.88 24.37 15.48
C GLU A 790 -7.88 24.84 16.53
N VAL A 791 -7.19 23.89 17.13
CA VAL A 791 -6.13 24.17 18.04
C VAL A 791 -4.89 23.49 17.47
N HIS A 792 -3.87 24.26 17.20
CA HIS A 792 -2.67 23.72 16.59
C HIS A 792 -1.60 23.61 17.63
N ASN A 793 -0.86 22.50 17.61
CA ASN A 793 0.10 22.24 18.65
C ASN A 793 1.39 21.79 17.95
N LEU A 794 2.52 21.77 18.65
CA LEU A 794 3.72 21.17 18.09
C LEU A 794 4.06 20.02 19.03
N LEU A 795 4.15 18.81 18.50
CA LEU A 795 4.42 17.62 19.30
C LEU A 795 5.88 17.24 19.24
N ILE A 796 6.45 16.75 20.34
CA ILE A 796 7.79 16.22 20.28
C ILE A 796 7.69 14.72 20.50
N ILE A 797 8.20 13.97 19.55
CA ILE A 797 7.97 12.57 19.57
C ILE A 797 9.32 11.86 19.54
N ASP A 798 9.45 10.85 20.40
CA ASP A 798 10.69 10.10 20.59
C ASP A 798 10.93 9.16 19.41
N GLN A 799 12.12 9.21 18.84
CA GLN A 799 12.33 8.41 17.63
C GLN A 799 12.26 6.91 17.93
N HIS A 800 12.54 6.52 19.17
CA HIS A 800 12.54 5.10 19.56
C HIS A 800 11.15 4.69 20.08
N THR A 801 10.69 5.19 21.23
CA THR A 801 9.35 4.82 21.69
C THR A 801 8.19 5.34 20.81
N PHE A 802 8.33 6.53 20.23
CA PHE A 802 7.19 7.22 19.56
C PHE A 802 6.10 7.63 20.55
N GLU A 803 6.49 7.75 21.82
CA GLU A 803 5.60 8.37 22.75
C GLU A 803 5.64 9.87 22.48
N VAL A 804 4.52 10.53 22.75
CA VAL A 804 4.47 11.95 22.59
C VAL A 804 5.11 12.59 23.82
N LEU A 805 6.41 12.78 23.75
CA LEU A 805 7.11 13.35 24.88
C LEU A 805 6.52 14.67 25.38
N HIS A 806 6.34 15.65 24.48
CA HIS A 806 5.87 17.00 24.89
C HIS A 806 5.01 17.63 23.79
N ALA A 807 4.07 18.50 24.19
CA ALA A 807 3.15 19.15 23.26
C ALA A 807 2.90 20.61 23.67
N HIS A 808 3.38 21.52 22.83
CA HIS A 808 3.16 22.94 23.00
C HIS A 808 1.90 23.29 22.25
N GLN A 809 1.00 24.04 22.88
CA GLN A 809 -0.18 24.54 22.19
C GLN A 809 0.04 26.00 21.81
N PHE A 810 -0.22 26.34 20.56
CA PHE A 810 -0.05 27.71 20.11
C PHE A 810 -1.18 28.60 20.64
N LEU A 811 -1.24 29.86 20.18
CA LEU A 811 -2.17 30.86 20.77
C LEU A 811 -3.55 30.56 20.28
N GLN A 812 -4.59 31.14 20.89
CA GLN A 812 -5.93 31.08 20.31
C GLN A 812 -5.87 31.54 18.88
N ASN A 813 -6.44 30.74 17.98
CA ASN A 813 -6.51 31.05 16.55
C ASN A 813 -5.20 31.13 15.76
N GLU A 814 -4.11 30.71 16.36
CA GLU A 814 -2.84 30.56 15.63
C GLU A 814 -2.80 29.22 14.87
N TYR A 815 -2.80 29.26 13.54
CA TYR A 815 -2.58 28.03 12.71
C TYR A 815 -1.13 27.99 12.34
N ALA A 816 -0.47 26.89 12.68
CA ALA A 816 0.94 26.74 12.33
C ALA A 816 0.91 26.26 10.89
N LEU A 817 1.85 26.68 10.05
CA LEU A 817 1.80 26.24 8.66
C LEU A 817 3.07 25.62 8.24
N SER A 818 4.17 26.01 8.84
CA SER A 818 5.45 25.46 8.45
C SER A 818 6.29 25.08 9.68
N LEU A 819 7.30 24.26 9.43
CA LEU A 819 8.13 23.74 10.49
C LEU A 819 9.48 23.43 9.90
N VAL A 820 10.55 23.72 10.64
CA VAL A 820 11.90 23.36 10.19
C VAL A 820 12.78 22.95 11.41
N SER A 821 13.71 22.02 11.22
CA SER A 821 14.69 21.73 12.28
C SER A 821 16.10 22.08 11.81
N CYS A 822 16.72 23.11 12.40
CA CYS A 822 18.05 23.54 11.95
C CYS A 822 18.85 24.37 12.95
N LYS A 823 20.13 24.58 12.61
CA LYS A 823 21.05 25.50 13.31
C LYS A 823 20.98 26.87 12.66
N LEU A 824 21.25 27.93 13.40
CA LEU A 824 21.34 29.23 12.74
C LEU A 824 22.64 30.03 12.98
N GLY A 825 23.00 30.86 12.00
CA GLY A 825 24.17 31.73 12.13
C GLY A 825 25.34 30.98 12.71
N LYS A 826 25.76 31.35 13.90
CA LYS A 826 26.93 30.74 14.54
C LYS A 826 26.59 29.98 15.83
N ASP A 827 25.34 30.11 16.27
CA ASP A 827 24.76 29.39 17.43
C ASP A 827 24.80 27.89 17.11
N PRO A 828 25.38 27.05 18.00
CA PRO A 828 25.62 25.60 17.79
C PRO A 828 24.41 24.70 18.01
N ASN A 829 23.44 25.20 18.76
CA ASN A 829 22.16 24.57 18.97
C ASN A 829 21.40 24.31 17.66
N THR A 830 20.50 23.32 17.69
CA THR A 830 19.51 23.05 16.63
C THR A 830 18.13 23.40 17.17
N TYR A 831 17.30 24.11 16.45
CA TYR A 831 16.05 24.54 17.05
C TYR A 831 14.97 23.93 16.24
N PHE A 832 13.74 24.07 16.64
CA PHE A 832 12.68 23.70 15.78
C PHE A 832 12.08 25.01 15.49
N ILE A 833 11.98 25.45 14.25
CA ILE A 833 11.32 26.70 14.10
C ILE A 833 9.98 26.44 13.43
N VAL A 834 8.98 27.25 13.78
CA VAL A 834 7.63 27.07 13.31
C VAL A 834 7.05 28.35 12.74
N GLY A 835 6.56 28.31 11.49
CA GLY A 835 5.86 29.44 10.90
C GLY A 835 4.36 29.34 11.10
N THR A 836 3.75 30.38 11.68
CA THR A 836 2.32 30.37 11.99
C THR A 836 1.58 31.43 11.21
N ALA A 837 0.33 31.67 11.65
CA ALA A 837 -0.57 32.61 11.03
C ALA A 837 -1.81 32.77 11.86
N MET A 838 -2.21 34.04 12.03
CA MET A 838 -3.29 34.38 12.92
C MET A 838 -4.61 34.41 12.17
N VAL A 839 -5.51 33.51 12.53
CA VAL A 839 -6.66 33.25 11.66
C VAL A 839 -7.98 33.73 12.23
N TYR A 840 -8.38 34.93 11.86
CA TYR A 840 -9.54 35.50 12.49
C TYR A 840 -10.85 35.19 11.74
N PRO A 841 -12.02 35.28 12.43
CA PRO A 841 -13.43 35.09 12.01
C PRO A 841 -13.77 35.21 10.51
N GLU A 842 -13.50 36.37 9.92
CA GLU A 842 -13.76 36.61 8.51
C GLU A 842 -12.92 37.80 8.03
N GLU A 843 -11.77 37.43 7.51
CA GLU A 843 -10.72 38.32 7.10
C GLU A 843 -10.12 37.25 6.29
N ALA A 844 -9.96 37.49 5.01
CA ALA A 844 -9.69 36.39 4.07
C ALA A 844 -8.18 36.35 4.29
N GLU A 845 -7.41 37.04 3.44
CA GLU A 845 -6.00 37.21 3.69
C GLU A 845 -5.83 37.53 5.18
N PRO A 846 -4.97 36.78 5.87
CA PRO A 846 -4.63 37.12 7.24
C PRO A 846 -3.38 37.98 7.25
N LYS A 847 -3.33 38.94 8.15
CA LYS A 847 -2.28 39.95 8.10
C LYS A 847 -1.27 39.78 9.22
N GLN A 848 -1.41 38.71 10.01
CA GLN A 848 -0.53 38.45 11.14
C GLN A 848 -0.15 36.97 11.34
N GLY A 849 1.04 36.77 11.88
CA GLY A 849 1.52 35.48 12.31
C GLY A 849 2.83 35.65 13.06
N ARG A 850 3.49 34.52 13.40
CA ARG A 850 4.75 34.58 14.14
C ARG A 850 5.72 33.58 13.60
N ILE A 851 7.00 33.80 13.86
CA ILE A 851 7.98 32.77 13.59
C ILE A 851 8.52 32.38 14.94
N VAL A 852 8.27 31.17 15.44
CA VAL A 852 8.61 30.89 16.82
C VAL A 852 9.85 29.99 16.84
N VAL A 853 10.87 30.31 17.67
CA VAL A 853 12.03 29.44 17.72
C VAL A 853 12.05 28.68 19.02
N PHE A 854 12.06 27.36 18.95
CA PHE A 854 11.87 26.49 20.11
C PHE A 854 13.13 25.73 20.43
N GLN A 855 13.33 25.32 21.67
CA GLN A 855 14.50 24.50 21.94
C GLN A 855 14.10 23.28 22.69
N TYR A 856 14.46 22.13 22.15
CA TYR A 856 14.23 20.93 22.90
C TYR A 856 15.56 20.52 23.51
N SER A 857 15.84 21.02 24.70
CA SER A 857 17.13 20.78 25.32
C SER A 857 16.92 19.83 26.47
N ASP A 858 17.97 19.05 26.75
CA ASP A 858 17.94 18.11 27.87
C ASP A 858 16.59 18.18 28.58
N GLY A 859 15.73 17.21 28.29
CA GLY A 859 14.40 17.21 28.84
C GLY A 859 13.15 17.97 28.43
N LYS A 860 13.20 19.30 28.36
CA LYS A 860 11.98 19.99 27.94
C LYS A 860 12.08 20.93 26.71
N LEU A 861 10.92 21.38 26.25
CA LEU A 861 10.79 22.32 25.16
C LEU A 861 10.92 23.77 25.67
N GLN A 862 11.84 24.52 25.07
CA GLN A 862 12.12 25.87 25.52
C GLN A 862 11.74 26.85 24.40
N THR A 863 10.93 27.86 24.72
CA THR A 863 10.65 28.97 23.78
C THR A 863 11.80 29.97 23.83
N VAL A 864 12.69 29.87 22.85
CA VAL A 864 13.83 30.77 22.73
C VAL A 864 13.40 32.14 22.25
N ALA A 865 13.00 32.23 20.99
CA ALA A 865 12.73 33.51 20.33
C ALA A 865 11.32 33.62 19.72
N GLU A 866 10.97 34.80 19.20
CA GLU A 866 9.62 35.01 18.75
C GLU A 866 9.41 35.74 17.40
N LYS A 867 9.98 36.92 17.19
CA LYS A 867 9.61 37.73 15.96
C LYS A 867 8.15 37.69 15.41
N GLU A 868 7.39 38.76 15.66
CA GLU A 868 6.11 39.01 15.02
C GLU A 868 6.37 39.30 13.57
N VAL A 869 5.36 39.15 12.73
CA VAL A 869 5.58 39.06 11.30
C VAL A 869 4.21 39.37 10.75
N LYS A 870 4.11 40.05 9.61
CA LYS A 870 2.80 40.58 9.16
C LYS A 870 2.14 39.75 8.08
N GLY A 871 1.73 38.55 8.45
CA GLY A 871 1.03 37.69 7.51
C GLY A 871 1.23 36.22 7.82
N ALA A 872 0.64 35.39 6.96
CA ALA A 872 0.75 33.95 7.11
C ALA A 872 2.13 33.43 6.70
N VAL A 873 2.75 32.62 7.53
CA VAL A 873 4.01 32.04 7.12
C VAL A 873 3.80 30.72 6.40
N TYR A 874 3.63 30.81 5.09
CA TYR A 874 3.30 29.64 4.26
C TYR A 874 4.45 28.62 4.08
N SER A 875 5.70 29.06 4.21
CA SER A 875 6.81 28.15 4.00
C SER A 875 8.11 28.77 4.46
N MET A 876 9.06 27.95 4.85
CA MET A 876 10.31 28.47 5.30
C MET A 876 11.39 27.46 5.09
N VAL A 877 12.62 27.92 4.95
CA VAL A 877 13.70 26.99 4.66
C VAL A 877 15.00 27.65 5.05
N GLU A 878 15.84 26.93 5.80
CA GLU A 878 17.13 27.49 6.20
C GLU A 878 17.97 27.56 4.94
N PHE A 879 18.45 28.77 4.65
CA PHE A 879 19.19 29.00 3.42
C PHE A 879 20.65 28.65 3.64
N ASN A 880 21.46 29.66 3.97
CA ASN A 880 22.89 29.45 4.14
C ASN A 880 23.39 30.04 5.42
N GLY A 881 22.57 29.97 6.46
CA GLY A 881 22.93 30.52 7.76
C GLY A 881 21.79 31.32 8.36
N LYS A 882 20.93 31.79 7.47
CA LYS A 882 19.78 32.61 7.80
C LYS A 882 18.50 31.80 7.65
N LEU A 883 17.38 32.38 8.05
CA LEU A 883 16.09 31.71 7.89
C LEU A 883 15.33 32.38 6.76
N LEU A 884 15.19 31.66 5.65
CA LEU A 884 14.41 32.17 4.54
C LEU A 884 12.96 31.75 4.72
N ALA A 885 12.07 32.72 4.77
CA ALA A 885 10.68 32.48 5.10
C ALA A 885 9.74 33.19 4.12
N SER A 886 8.72 32.54 3.57
CA SER A 886 7.73 33.23 2.75
C SER A 886 6.50 33.66 3.58
N ILE A 887 6.35 34.98 3.77
CA ILE A 887 5.24 35.53 4.52
C ILE A 887 4.28 36.22 3.60
N ASN A 888 3.19 35.51 3.27
CA ASN A 888 2.01 36.06 2.60
C ASN A 888 2.38 36.93 1.42
N SER A 889 2.84 36.34 0.33
CA SER A 889 3.33 37.15 -0.82
C SER A 889 4.68 37.87 -0.71
N THR A 890 5.39 37.77 0.41
CA THR A 890 6.68 38.44 0.52
C THR A 890 7.75 37.44 0.95
N VAL A 891 8.99 37.59 0.48
CA VAL A 891 10.05 36.62 0.82
C VAL A 891 11.27 37.32 1.44
N ARG A 892 11.55 36.96 2.68
CA ARG A 892 12.46 37.72 3.50
C ARG A 892 13.48 36.80 4.08
N LEU A 893 14.71 37.29 4.23
CA LEU A 893 15.76 36.53 4.92
C LEU A 893 15.84 37.01 6.32
N TYR A 894 16.18 36.12 7.24
CA TYR A 894 16.33 36.52 8.62
C TYR A 894 17.65 36.08 9.16
N GLU A 895 18.10 36.85 10.13
CA GLU A 895 19.39 36.74 10.78
C GLU A 895 19.19 36.26 12.20
N TRP A 896 20.02 35.31 12.61
CA TRP A 896 20.00 34.84 13.97
C TRP A 896 21.21 35.48 14.64
N THR A 897 20.90 36.46 15.48
CA THR A 897 21.93 37.25 16.13
C THR A 897 22.71 36.41 17.11
N THR A 898 23.62 37.04 17.86
CA THR A 898 24.34 36.29 18.87
C THR A 898 23.62 36.44 20.21
N GLU A 899 22.75 37.44 20.27
CA GLU A 899 21.84 37.66 21.38
C GLU A 899 20.59 36.77 21.24
N LYS A 900 20.56 35.95 20.17
CA LYS A 900 19.45 35.05 19.87
C LYS A 900 18.17 35.80 19.55
N ASP A 901 18.25 36.61 18.50
CA ASP A 901 17.21 37.49 18.03
C ASP A 901 17.03 37.12 16.55
N VAL A 902 15.80 37.14 16.01
CA VAL A 902 15.69 37.03 14.55
C VAL A 902 15.37 38.38 13.93
N ARG A 903 16.23 38.84 13.01
CA ARG A 903 16.05 40.15 12.39
C ARG A 903 16.21 40.13 10.89
N THR A 904 15.62 41.11 10.24
CA THR A 904 15.67 41.22 8.79
C THR A 904 15.89 42.68 8.46
N GLU A 905 16.21 42.97 7.21
CA GLU A 905 16.23 44.33 6.75
C GLU A 905 15.05 44.51 5.86
N CYS A 906 14.06 45.19 6.42
CA CYS A 906 12.81 45.36 5.76
C CYS A 906 12.92 45.89 4.31
N ASN A 907 14.07 46.40 3.92
CA ASN A 907 14.22 46.86 2.55
C ASN A 907 14.67 45.76 1.58
N HIS A 908 14.98 44.59 2.13
CA HIS A 908 15.39 43.47 1.29
C HIS A 908 14.30 42.42 1.31
N TYR A 909 13.29 42.65 0.49
CA TYR A 909 12.14 41.77 0.43
C TYR A 909 11.92 41.23 -0.98
N ASN A 910 10.69 40.84 -1.27
CA ASN A 910 10.37 40.02 -2.41
C ASN A 910 8.90 40.01 -2.77
N ASN A 911 8.58 39.91 -4.05
CA ASN A 911 7.18 39.85 -4.48
C ASN A 911 6.91 38.45 -4.97
N ILE A 912 6.89 37.52 -4.01
CA ILE A 912 6.65 36.08 -4.23
C ILE A 912 5.80 35.51 -3.08
N MET A 913 4.76 34.76 -3.44
CA MET A 913 3.98 33.95 -2.50
C MET A 913 4.32 32.47 -2.68
N ALA A 914 5.38 32.00 -2.00
CA ALA A 914 5.86 30.62 -2.13
C ALA A 914 5.08 29.54 -1.37
N LEU A 915 3.95 29.12 -1.93
CA LEU A 915 3.23 28.00 -1.35
C LEU A 915 4.18 26.82 -1.20
N TYR A 916 5.12 26.69 -2.13
CA TYR A 916 6.03 25.57 -2.09
C TYR A 916 7.42 26.07 -2.35
N LEU A 917 8.40 25.49 -1.65
CA LEU A 917 9.77 26.03 -1.65
C LEU A 917 10.92 25.00 -1.44
N LYS A 918 11.94 25.00 -2.29
CA LYS A 918 13.08 24.12 -2.06
C LYS A 918 14.40 24.82 -2.36
N THR A 919 15.52 24.23 -1.94
CA THR A 919 16.84 24.87 -2.02
C THR A 919 17.97 23.94 -2.39
N LYS A 920 18.89 24.46 -3.20
CA LYS A 920 20.11 23.74 -3.61
C LYS A 920 21.25 24.23 -2.77
N GLY A 921 22.07 23.26 -2.32
CA GLY A 921 23.22 23.48 -1.45
C GLY A 921 24.11 24.62 -1.93
N ASP A 922 23.63 25.28 -2.97
CA ASP A 922 24.20 26.51 -3.48
C ASP A 922 23.28 27.65 -3.05
N PHE A 923 23.12 28.63 -3.94
CA PHE A 923 22.45 29.88 -3.64
C PHE A 923 21.11 29.93 -4.35
N ILE A 924 20.56 28.75 -4.67
CA ILE A 924 19.36 28.65 -5.52
C ILE A 924 18.05 28.40 -4.76
N LEU A 925 16.94 28.44 -5.50
CA LEU A 925 15.62 28.34 -4.91
C LEU A 925 14.55 27.95 -5.94
N VAL A 926 13.80 26.87 -5.70
CA VAL A 926 12.58 26.59 -6.51
C VAL A 926 11.39 27.09 -5.68
N GLY A 927 10.58 27.98 -6.24
CA GLY A 927 9.41 28.57 -5.56
C GLY A 927 8.21 28.25 -6.44
N ASP A 928 6.97 28.51 -5.94
CA ASP A 928 5.71 28.71 -6.75
C ASP A 928 4.87 29.91 -6.26
N LEU A 929 4.54 30.86 -7.14
CA LEU A 929 3.70 32.02 -6.73
C LEU A 929 2.29 32.12 -7.36
N MET A 930 2.24 32.53 -8.63
CA MET A 930 1.00 32.73 -9.37
C MET A 930 0.83 31.60 -10.37
N ARG A 931 0.62 30.40 -9.84
CA ARG A 931 0.55 29.13 -10.62
C ARG A 931 1.78 28.82 -11.51
N SER A 932 2.97 29.23 -11.08
CA SER A 932 4.19 29.10 -11.89
C SER A 932 5.43 28.69 -11.10
N VAL A 933 6.23 27.79 -11.65
CA VAL A 933 7.50 27.41 -11.04
C VAL A 933 8.62 28.43 -11.26
N LEU A 934 9.43 28.71 -10.24
CA LEU A 934 10.38 29.85 -10.32
C LEU A 934 11.80 29.51 -9.86
N LEU A 935 12.77 30.04 -10.57
CA LEU A 935 14.16 29.88 -10.22
C LEU A 935 14.73 31.20 -9.73
N LEU A 936 15.43 31.15 -8.61
CA LEU A 936 15.94 32.35 -7.99
C LEU A 936 17.27 32.06 -7.30
N ALA A 937 18.18 33.02 -7.42
CA ALA A 937 19.50 32.87 -6.85
C ALA A 937 19.85 34.14 -6.06
N TYR A 938 20.68 33.96 -5.04
CA TYR A 938 20.98 35.04 -4.11
C TYR A 938 22.09 35.99 -4.61
N LYS A 939 21.72 37.24 -4.85
CA LYS A 939 22.67 38.25 -5.25
C LYS A 939 23.07 39.13 -4.03
N PRO A 940 24.32 38.93 -3.50
CA PRO A 940 24.70 39.65 -2.27
C PRO A 940 24.89 41.15 -2.51
N MET A 941 25.17 41.52 -3.76
CA MET A 941 25.20 42.92 -4.19
C MET A 941 23.94 43.65 -3.70
N GLU A 942 22.77 43.06 -3.96
CA GLU A 942 21.48 43.67 -3.60
C GLU A 942 20.86 43.07 -2.33
N GLY A 943 21.56 42.11 -1.72
CA GLY A 943 21.09 41.37 -0.54
C GLY A 943 19.81 40.63 -0.85
N ASN A 944 19.56 40.46 -2.15
CA ASN A 944 18.28 40.03 -2.72
C ASN A 944 18.28 38.59 -3.24
N PHE A 945 17.16 38.23 -3.81
CA PHE A 945 17.01 37.03 -4.56
C PHE A 945 16.84 37.54 -5.99
N GLU A 946 17.46 36.89 -6.96
CA GLU A 946 17.28 37.31 -8.36
C GLU A 946 16.57 36.20 -9.13
N GLU A 947 15.57 36.62 -9.90
CA GLU A 947 14.82 35.69 -10.74
C GLU A 947 15.64 35.29 -11.96
N ILE A 948 16.39 34.22 -11.81
CA ILE A 948 17.14 33.63 -12.91
C ILE A 948 16.28 33.04 -14.02
N ALA A 949 15.20 32.35 -13.65
CA ALA A 949 14.37 31.64 -14.63
C ALA A 949 12.95 31.35 -14.16
N ARG A 950 12.04 31.22 -15.12
CA ARG A 950 10.63 30.92 -14.90
C ARG A 950 10.08 29.85 -15.87
N ASP A 951 8.93 29.28 -15.50
CA ASP A 951 8.16 28.37 -16.33
C ASP A 951 6.80 29.05 -16.46
N PHE A 952 6.57 29.67 -17.61
CA PHE A 952 5.29 30.23 -17.97
C PHE A 952 4.44 29.01 -18.20
N ASN A 953 3.23 29.15 -18.72
CA ASN A 953 2.28 28.01 -18.70
C ASN A 953 1.79 27.79 -17.28
N PRO A 954 0.49 28.03 -17.06
CA PRO A 954 -0.22 27.68 -15.82
C PRO A 954 0.24 26.32 -15.27
N ASN A 955 0.11 26.18 -13.95
CA ASN A 955 0.38 24.95 -13.22
C ASN A 955 -0.10 25.15 -11.79
N TRP A 956 -1.31 24.64 -11.48
CA TRP A 956 -1.78 24.58 -10.09
C TRP A 956 -0.97 23.51 -9.34
N MET A 957 0.11 23.95 -8.71
CA MET A 957 1.11 23.04 -8.19
C MET A 957 0.64 22.52 -6.85
N SER A 958 1.13 21.32 -6.53
CA SER A 958 0.83 20.70 -5.26
C SER A 958 2.08 20.29 -4.56
N ALA A 959 3.20 20.30 -5.27
CA ALA A 959 4.51 19.88 -4.76
C ALA A 959 5.58 20.18 -5.83
N VAL A 960 6.87 20.08 -5.44
CA VAL A 960 8.02 20.68 -6.15
C VAL A 960 9.38 20.13 -5.67
N GLU A 961 10.29 19.80 -6.58
CA GLU A 961 11.64 19.38 -6.16
C GLU A 961 12.79 19.75 -7.12
N ILE A 962 13.95 20.02 -6.52
CA ILE A 962 15.23 20.06 -7.23
C ILE A 962 15.71 18.64 -7.51
N LEU A 963 16.02 18.30 -8.76
CA LEU A 963 16.67 17.01 -9.09
C LEU A 963 18.19 17.12 -9.17
N ASP A 964 18.65 18.16 -9.87
CA ASP A 964 20.03 18.66 -9.84
C ASP A 964 19.96 20.17 -10.04
N ASP A 965 21.08 20.76 -10.48
CA ASP A 965 21.21 22.19 -10.60
C ASP A 965 20.44 22.85 -11.74
N ASP A 966 20.00 22.05 -12.71
CA ASP A 966 19.30 22.60 -13.88
C ASP A 966 17.96 21.92 -14.15
N ASN A 967 17.59 20.97 -13.30
CA ASN A 967 16.35 20.24 -13.47
C ASN A 967 15.43 20.24 -12.26
N PHE A 968 14.15 20.40 -12.56
CA PHE A 968 13.15 20.67 -11.51
C PHE A 968 11.85 19.88 -11.70
N LEU A 969 11.58 18.97 -10.76
CA LEU A 969 10.38 18.12 -10.85
C LEU A 969 9.20 18.80 -10.21
N GLY A 970 8.02 18.64 -10.79
CA GLY A 970 6.85 19.35 -10.35
C GLY A 970 5.63 18.48 -10.55
N ALA A 971 4.61 18.72 -9.71
CA ALA A 971 3.38 17.93 -9.63
C ALA A 971 2.21 18.88 -9.44
N GLU A 972 1.08 18.50 -10.02
CA GLU A 972 0.02 19.47 -10.17
C GLU A 972 -1.41 18.91 -10.04
N ASN A 973 -2.33 19.83 -9.80
CA ASN A 973 -3.72 19.57 -9.58
C ASN A 973 -4.37 18.51 -10.49
N ALA A 974 -3.78 18.28 -11.67
CA ALA A 974 -4.39 17.36 -12.64
C ALA A 974 -3.80 15.92 -12.66
N PHE A 975 -3.00 15.62 -11.64
CA PHE A 975 -2.41 14.29 -11.42
C PHE A 975 -1.24 14.01 -12.38
N ASN A 976 -0.81 15.04 -13.11
CA ASN A 976 0.39 14.92 -13.94
C ASN A 976 1.69 15.31 -13.25
N LEU A 977 2.77 14.73 -13.70
CA LEU A 977 4.09 15.17 -13.31
C LEU A 977 4.72 15.91 -14.48
N PHE A 978 5.76 16.70 -14.18
CA PHE A 978 6.59 17.33 -15.21
C PHE A 978 7.92 17.79 -14.71
N VAL A 979 8.93 17.72 -15.59
CA VAL A 979 10.27 18.24 -15.30
C VAL A 979 10.55 19.51 -16.08
N CYS A 980 11.03 20.53 -15.37
CA CYS A 980 11.52 21.78 -15.99
C CYS A 980 13.03 21.83 -16.04
N GLN A 981 13.55 22.43 -17.09
CA GLN A 981 15.00 22.52 -17.29
C GLN A 981 15.29 23.91 -17.82
N LYS A 982 16.46 24.45 -17.48
CA LYS A 982 16.86 25.74 -18.04
C LYS A 982 17.49 25.57 -19.41
N ASP A 983 17.30 26.58 -20.26
CA ASP A 983 17.82 26.62 -21.62
C ASP A 983 19.34 26.84 -21.63
N SER A 984 20.04 25.99 -22.37
CA SER A 984 21.47 26.16 -22.65
C SER A 984 21.67 26.74 -24.07
N ALA A 985 21.33 28.01 -24.22
CA ALA A 985 21.38 28.70 -25.51
C ALA A 985 21.56 30.22 -25.35
N ALA A 986 21.95 30.91 -26.42
CA ALA A 986 22.13 32.36 -26.44
C ALA A 986 20.81 33.10 -26.25
N THR A 987 20.85 34.43 -26.32
CA THR A 987 19.78 35.30 -25.82
C THR A 987 19.65 35.16 -24.29
N THR A 988 20.77 34.83 -23.62
CA THR A 988 20.85 34.81 -22.16
C THR A 988 20.39 36.17 -21.63
N ASP A 989 19.07 36.33 -21.60
CA ASP A 989 18.38 37.58 -21.28
C ASP A 989 17.01 37.55 -21.96
N GLU A 990 16.46 36.36 -22.16
CA GLU A 990 15.13 36.21 -22.80
C GLU A 990 14.75 34.73 -22.97
N GLU A 991 15.46 34.05 -23.86
CA GLU A 991 15.42 32.60 -24.00
C GLU A 991 15.95 31.91 -22.72
N ARG A 992 16.79 32.62 -21.97
CA ARG A 992 17.36 32.19 -20.69
C ARG A 992 16.33 32.26 -19.53
N GLN A 993 15.39 33.18 -19.66
CA GLN A 993 14.40 33.50 -18.62
C GLN A 993 13.23 32.50 -18.60
N HIS A 994 13.14 31.67 -19.64
CA HIS A 994 12.09 30.64 -19.81
C HIS A 994 12.64 29.25 -19.59
N LEU A 995 12.47 28.66 -18.41
CA LEU A 995 12.89 27.27 -18.29
C LEU A 995 11.84 26.44 -18.97
N GLN A 996 12.19 25.23 -19.39
CA GLN A 996 11.31 24.50 -20.26
C GLN A 996 11.04 23.07 -19.94
N GLU A 997 9.82 22.68 -20.27
CA GLU A 997 9.26 21.43 -19.85
C GLU A 997 9.70 20.32 -20.76
N VAL A 998 10.75 19.66 -20.31
CA VAL A 998 11.46 18.62 -21.02
C VAL A 998 10.81 17.25 -20.85
N GLY A 999 9.92 17.11 -19.85
CA GLY A 999 9.27 15.83 -19.54
C GLY A 999 7.85 15.93 -19.02
N LEU A 1000 6.97 15.04 -19.45
CA LEU A 1000 5.57 15.03 -19.00
C LEU A 1000 5.11 13.59 -18.73
N PHE A 1001 4.05 13.45 -17.95
CA PHE A 1001 3.60 12.16 -17.45
C PHE A 1001 2.34 12.30 -16.63
N HIS A 1002 1.29 11.56 -16.98
CA HIS A 1002 0.10 11.52 -16.15
C HIS A 1002 0.28 10.45 -15.09
N LEU A 1003 0.46 10.87 -13.84
CA LEU A 1003 0.72 9.96 -12.70
C LEU A 1003 -0.54 9.25 -12.23
N GLY A 1004 -1.66 9.96 -12.21
CA GLY A 1004 -2.91 9.40 -11.72
C GLY A 1004 -3.10 9.57 -10.23
N GLU A 1005 -2.09 10.15 -9.55
CA GLU A 1005 -2.13 10.43 -8.09
C GLU A 1005 -1.99 11.92 -7.81
N PHE A 1006 -2.22 12.33 -6.56
CA PHE A 1006 -2.08 13.72 -6.15
C PHE A 1006 -0.95 13.80 -5.17
N VAL A 1007 0.18 14.34 -5.60
CA VAL A 1007 1.40 14.34 -4.79
C VAL A 1007 1.49 15.49 -3.75
N ASN A 1008 1.78 15.12 -2.50
CA ASN A 1008 1.85 16.04 -1.37
C ASN A 1008 3.26 16.31 -0.96
N VAL A 1009 4.19 15.44 -1.31
CA VAL A 1009 5.53 15.65 -0.80
C VAL A 1009 6.51 14.83 -1.59
N PHE A 1010 7.63 15.47 -1.98
CA PHE A 1010 8.80 14.76 -2.49
C PHE A 1010 9.86 14.83 -1.42
N CYS A 1011 10.74 13.85 -1.40
CA CYS A 1011 11.95 14.00 -0.62
C CYS A 1011 13.07 13.06 -1.07
N HIS A 1012 14.31 13.54 -0.94
CA HIS A 1012 15.50 12.81 -1.37
C HIS A 1012 15.87 11.69 -0.42
N GLY A 1013 15.63 10.45 -0.82
CA GLY A 1013 15.97 9.29 0.01
C GLY A 1013 15.73 8.00 -0.74
N SER A 1014 15.97 6.88 -0.05
CA SER A 1014 15.82 5.55 -0.61
C SER A 1014 15.48 4.61 0.51
N LEU A 1015 14.82 3.49 0.25
CA LEU A 1015 14.66 2.49 1.30
C LEU A 1015 15.40 1.20 1.01
N VAL A 1016 16.22 1.27 -0.03
CA VAL A 1016 16.97 0.13 -0.51
C VAL A 1016 18.25 0.03 0.27
N MET A 1017 19.35 0.54 -0.28
CA MET A 1017 20.74 0.41 0.22
C MET A 1017 21.00 -0.36 1.55
N GLN A 1018 22.13 -1.09 1.55
CA GLN A 1018 22.61 -1.83 2.72
C GLN A 1018 22.70 -0.96 3.99
N PRO A 1026 23.97 1.58 -12.56
CA PRO A 1026 22.62 1.01 -12.75
C PRO A 1026 21.54 2.09 -13.01
N THR A 1027 21.62 3.19 -12.27
CA THR A 1027 20.75 4.37 -12.38
C THR A 1027 21.33 5.44 -11.46
N GLN A 1028 20.77 6.64 -11.53
CA GLN A 1028 21.35 7.80 -10.85
C GLN A 1028 20.26 8.64 -10.16
N GLY A 1029 20.47 8.89 -8.86
CA GLY A 1029 19.53 9.65 -8.01
C GLY A 1029 18.32 8.89 -7.53
N SER A 1030 17.64 9.41 -6.50
CA SER A 1030 16.34 8.88 -6.03
C SER A 1030 15.46 9.80 -5.17
N VAL A 1031 14.27 10.10 -5.69
CA VAL A 1031 13.30 10.92 -4.96
C VAL A 1031 11.98 10.20 -4.73
N LEU A 1032 11.62 10.07 -3.46
CA LEU A 1032 10.40 9.41 -3.00
C LEU A 1032 9.27 10.41 -2.91
N PHE A 1033 8.06 9.99 -3.26
CA PHE A 1033 6.88 10.84 -3.06
C PHE A 1033 5.68 10.13 -2.44
N GLY A 1034 4.80 10.91 -1.79
CA GLY A 1034 3.63 10.41 -1.09
C GLY A 1034 2.36 11.03 -1.62
N THR A 1035 1.37 10.18 -1.87
CA THR A 1035 0.08 10.53 -2.44
C THR A 1035 -1.00 10.83 -1.41
N VAL A 1036 -2.09 11.41 -1.90
CA VAL A 1036 -3.34 11.52 -1.16
C VAL A 1036 -3.96 10.14 -0.95
N ASN A 1037 -3.81 9.25 -1.92
CA ASN A 1037 -4.26 7.88 -1.76
C ASN A 1037 -3.28 7.02 -1.02
N GLY A 1038 -2.25 7.53 -0.42
CA GLY A 1038 -1.34 6.70 0.33
C GLY A 1038 -0.40 5.82 -0.43
N MET A 1039 -0.08 6.28 -1.62
CA MET A 1039 0.76 5.61 -2.54
C MET A 1039 2.12 6.20 -2.38
N ILE A 1040 3.14 5.37 -2.33
CA ILE A 1040 4.49 5.87 -2.34
C ILE A 1040 5.16 5.52 -3.65
N GLY A 1041 5.90 6.46 -4.21
CA GLY A 1041 6.52 6.26 -5.49
C GLY A 1041 7.97 6.64 -5.51
N LEU A 1042 8.61 6.42 -6.63
CA LEU A 1042 10.03 6.75 -6.67
C LEU A 1042 10.40 7.20 -8.05
N VAL A 1043 11.30 8.18 -8.14
CA VAL A 1043 11.72 8.67 -9.44
C VAL A 1043 13.24 8.69 -9.51
N THR A 1044 13.80 8.18 -10.61
CA THR A 1044 15.23 8.14 -10.80
C THR A 1044 15.53 8.83 -12.11
N SER A 1045 16.81 9.10 -12.31
CA SER A 1045 17.28 9.57 -13.59
C SER A 1045 17.92 8.37 -14.28
N LEU A 1046 17.90 8.39 -15.62
CA LEU A 1046 18.46 7.34 -16.46
C LEU A 1046 19.53 7.89 -17.39
N SER A 1047 20.01 7.03 -18.28
CA SER A 1047 20.90 7.42 -19.36
C SER A 1047 20.15 7.52 -20.67
N GLU A 1048 20.90 7.87 -21.70
CA GLU A 1048 20.46 7.79 -23.10
C GLU A 1048 19.99 6.37 -23.46
N SER A 1049 20.88 5.40 -23.30
CA SER A 1049 20.64 4.04 -23.78
C SER A 1049 19.39 3.42 -23.14
N TRP A 1050 19.24 3.62 -21.83
CA TRP A 1050 18.12 3.02 -21.09
C TRP A 1050 16.80 3.69 -21.48
N TYR A 1051 16.75 5.01 -21.36
CA TYR A 1051 15.51 5.68 -21.63
C TYR A 1051 15.06 5.25 -23.00
N ASN A 1052 16.02 4.99 -23.89
CA ASN A 1052 15.69 4.54 -25.24
C ASN A 1052 15.35 3.07 -25.34
N LEU A 1053 16.20 2.22 -24.78
CA LEU A 1053 15.89 0.82 -24.64
C LEU A 1053 14.48 0.65 -24.03
N LEU A 1054 14.28 1.28 -22.87
CA LEU A 1054 13.04 1.15 -22.11
C LEU A 1054 11.86 1.72 -22.84
N LEU A 1055 12.04 2.87 -23.48
CA LEU A 1055 10.98 3.51 -24.26
C LEU A 1055 10.53 2.51 -25.31
N ASP A 1056 11.53 1.89 -25.94
CA ASP A 1056 11.35 0.76 -26.87
C ASP A 1056 10.51 -0.27 -26.15
N MET A 1057 11.15 -0.99 -25.22
CA MET A 1057 10.47 -2.00 -24.43
C MET A 1057 8.99 -1.72 -24.23
N GLN A 1058 8.66 -0.47 -23.87
CA GLN A 1058 7.31 -0.06 -23.59
C GLN A 1058 6.43 -0.24 -24.79
N ASN A 1059 6.86 0.29 -25.93
CA ASN A 1059 6.03 0.23 -27.14
C ASN A 1059 5.79 -1.21 -27.60
N ARG A 1060 6.82 -2.04 -27.48
CA ARG A 1060 6.67 -3.46 -27.74
C ARG A 1060 5.68 -4.02 -26.75
N LEU A 1061 5.89 -3.66 -25.48
CA LEU A 1061 5.10 -4.15 -24.34
C LEU A 1061 3.61 -3.89 -24.40
N ASN A 1062 3.21 -2.73 -24.95
CA ASN A 1062 1.77 -2.44 -25.14
C ASN A 1062 1.11 -3.42 -26.10
N LYS A 1063 1.82 -3.74 -27.19
CA LYS A 1063 1.39 -4.67 -28.24
C LYS A 1063 1.03 -6.02 -27.66
N VAL A 1064 1.93 -6.57 -26.88
CA VAL A 1064 1.69 -7.83 -26.18
C VAL A 1064 0.58 -7.69 -25.10
N ILE A 1065 0.90 -6.99 -24.00
CA ILE A 1065 0.11 -6.98 -22.75
C ILE A 1065 -1.37 -6.67 -22.93
N LYS A 1066 -2.19 -7.54 -22.34
CA LYS A 1066 -3.64 -7.39 -22.30
C LYS A 1066 -3.93 -6.19 -21.45
N SER A 1067 -5.08 -5.55 -21.66
CA SER A 1067 -5.39 -4.27 -20.99
C SER A 1067 -6.88 -4.13 -20.71
N VAL A 1068 -7.20 -4.29 -19.43
CA VAL A 1068 -8.56 -4.66 -19.01
C VAL A 1068 -9.72 -4.15 -19.83
N GLY A 1069 -10.03 -2.85 -19.73
CA GLY A 1069 -11.19 -2.33 -20.42
C GLY A 1069 -10.79 -1.84 -21.80
N LYS A 1070 -9.84 -2.55 -22.43
CA LYS A 1070 -9.28 -2.16 -23.74
C LYS A 1070 -8.90 -0.67 -23.70
N ILE A 1071 -7.86 -0.33 -22.94
CA ILE A 1071 -7.41 1.08 -22.82
C ILE A 1071 -5.94 1.22 -23.19
N GLU A 1072 -5.60 2.20 -24.02
CA GLU A 1072 -4.21 2.40 -24.42
C GLU A 1072 -3.39 3.07 -23.32
N HIS A 1073 -2.38 2.34 -22.82
CA HIS A 1073 -1.43 2.89 -21.84
C HIS A 1073 -0.94 4.29 -22.27
N SER A 1074 -1.08 4.56 -23.56
CA SER A 1074 -0.52 5.72 -24.17
C SER A 1074 -1.49 6.86 -23.92
N PHE A 1075 -2.79 6.60 -24.03
CA PHE A 1075 -3.80 7.56 -23.67
C PHE A 1075 -3.64 7.91 -22.20
N TRP A 1076 -3.42 6.85 -21.41
CA TRP A 1076 -3.55 6.89 -19.97
C TRP A 1076 -2.44 7.74 -19.41
N ARG A 1077 -1.22 7.41 -19.75
CA ARG A 1077 -0.07 8.11 -19.27
C ARG A 1077 0.16 9.51 -19.86
N SER A 1078 -0.61 9.88 -20.88
CA SER A 1078 -0.35 11.15 -21.53
C SER A 1078 -0.85 12.29 -20.66
N PHE A 1079 0.01 13.31 -20.54
CA PHE A 1079 -0.23 14.44 -19.68
C PHE A 1079 -1.55 15.06 -20.11
N HIS A 1080 -2.43 15.30 -19.14
CA HIS A 1080 -3.78 15.78 -19.46
C HIS A 1080 -4.29 16.89 -18.51
N THR A 1081 -4.46 18.10 -19.01
CA THR A 1081 -5.06 19.15 -18.17
C THR A 1081 -6.38 19.64 -18.77
N GLU A 1082 -6.72 20.91 -18.63
CA GLU A 1082 -7.92 21.41 -19.28
C GLU A 1082 -7.49 22.21 -20.49
N ARG A 1083 -6.24 22.67 -20.45
CA ARG A 1083 -5.65 23.53 -21.46
C ARG A 1083 -4.76 22.75 -22.46
N LYS A 1084 -4.78 21.42 -22.43
CA LYS A 1084 -3.98 20.60 -23.37
C LYS A 1084 -3.98 19.10 -23.08
N THR A 1085 -3.61 18.30 -24.10
CA THR A 1085 -3.31 16.90 -23.88
C THR A 1085 -2.14 16.41 -24.73
N GLU A 1086 -0.92 16.55 -24.22
CA GLU A 1086 0.25 16.13 -25.00
C GLU A 1086 0.67 14.74 -24.50
N PRO A 1087 1.35 13.94 -25.36
CA PRO A 1087 1.85 12.61 -24.93
C PRO A 1087 2.97 12.67 -23.90
N ALA A 1088 3.23 11.56 -23.23
CA ALA A 1088 4.29 11.49 -22.22
C ALA A 1088 5.69 11.77 -22.81
N THR A 1089 6.49 12.62 -22.14
CA THR A 1089 7.87 12.91 -22.53
C THR A 1089 8.80 12.69 -21.35
N GLY A 1090 9.97 12.09 -21.65
CA GLY A 1090 11.10 11.99 -20.72
C GLY A 1090 10.82 11.18 -19.49
N PHE A 1091 9.84 10.29 -19.58
CA PHE A 1091 9.40 9.51 -18.45
C PHE A 1091 9.20 8.04 -18.79
N ILE A 1092 9.09 7.20 -17.77
CA ILE A 1092 8.93 5.79 -17.98
C ILE A 1092 8.26 5.21 -16.75
N ASP A 1093 7.29 4.32 -16.92
CA ASP A 1093 6.77 3.70 -15.70
C ASP A 1093 7.27 2.32 -15.54
N GLY A 1094 8.33 2.21 -14.74
CA GLY A 1094 8.79 0.96 -14.20
C GLY A 1094 7.68 0.01 -13.85
N ASP A 1095 6.53 0.55 -13.47
CA ASP A 1095 5.36 -0.26 -13.22
C ASP A 1095 5.16 -1.11 -14.46
N LEU A 1096 5.06 -0.44 -15.62
CA LEU A 1096 4.88 -1.10 -16.89
C LEU A 1096 6.10 -1.91 -17.34
N ILE A 1097 7.29 -1.38 -17.09
CA ILE A 1097 8.45 -2.17 -17.36
C ILE A 1097 8.46 -3.45 -16.54
N GLU A 1098 8.13 -3.37 -15.27
CA GLU A 1098 8.26 -4.53 -14.40
C GLU A 1098 7.35 -5.70 -14.80
N SER A 1099 6.24 -5.41 -15.45
CA SER A 1099 5.34 -6.47 -15.86
C SER A 1099 5.88 -7.26 -17.04
N PHE A 1100 7.16 -7.08 -17.33
CA PHE A 1100 7.82 -7.86 -18.36
C PHE A 1100 8.09 -9.23 -17.80
N LEU A 1101 8.39 -9.26 -16.50
CA LEU A 1101 8.72 -10.49 -15.80
C LEU A 1101 7.44 -11.27 -15.56
N ASP A 1102 6.31 -10.57 -15.54
CA ASP A 1102 5.04 -11.26 -15.37
C ASP A 1102 4.48 -11.61 -16.74
N ILE A 1103 5.18 -12.46 -17.45
CA ILE A 1103 4.76 -12.81 -18.80
C ILE A 1103 5.05 -14.28 -19.08
N SER A 1104 4.14 -14.90 -19.84
CA SER A 1104 4.39 -16.20 -20.45
C SER A 1104 5.53 -16.06 -21.44
N ARG A 1105 6.56 -16.87 -21.28
CA ARG A 1105 7.73 -16.81 -22.18
C ARG A 1105 7.35 -16.69 -23.66
N PRO A 1106 6.34 -17.45 -24.13
CA PRO A 1106 5.86 -17.25 -25.51
C PRO A 1106 5.74 -15.78 -25.90
N LYS A 1107 4.93 -15.02 -25.16
CA LYS A 1107 4.77 -13.57 -25.34
C LYS A 1107 6.07 -12.84 -25.11
N MET A 1108 6.89 -13.40 -24.24
CA MET A 1108 8.14 -12.78 -23.85
C MET A 1108 9.18 -12.83 -24.97
N GLN A 1109 9.03 -13.81 -25.86
CA GLN A 1109 9.92 -13.92 -27.02
C GLN A 1109 9.42 -13.09 -28.20
N GLU A 1110 8.18 -12.63 -28.11
CA GLU A 1110 7.64 -11.71 -29.09
C GLU A 1110 8.27 -10.33 -28.89
N VAL A 1111 7.98 -9.69 -27.76
CA VAL A 1111 8.77 -8.57 -27.24
C VAL A 1111 10.19 -9.11 -27.24
N VAL A 1112 11.18 -8.29 -27.54
CA VAL A 1112 12.54 -8.82 -27.53
C VAL A 1112 12.69 -9.69 -28.78
N ALA A 1113 12.38 -9.11 -29.92
CA ALA A 1113 12.69 -9.74 -31.19
C ALA A 1113 13.91 -9.00 -31.78
N ASN A 1114 14.73 -8.42 -30.87
CA ASN A 1114 16.01 -7.71 -31.14
C ASN A 1114 16.35 -6.53 -30.21
N ARG A 1125 23.63 -3.30 -29.40
CA ARG A 1125 22.92 -4.09 -28.39
C ARG A 1125 22.71 -5.55 -28.81
N GLU A 1126 22.77 -6.45 -27.83
CA GLU A 1126 22.56 -7.89 -28.06
C GLU A 1126 21.14 -8.13 -28.60
N ALA A 1127 20.37 -8.97 -27.91
CA ALA A 1127 18.97 -9.24 -28.26
C ALA A 1127 18.55 -10.60 -27.70
N THR A 1128 18.28 -10.66 -26.40
CA THR A 1128 17.80 -11.90 -25.78
C THR A 1128 16.79 -11.65 -24.65
N ALA A 1129 15.84 -12.57 -24.50
CA ALA A 1129 14.97 -12.61 -23.33
C ALA A 1129 15.77 -12.80 -22.02
N ASP A 1130 16.75 -13.70 -22.03
CA ASP A 1130 17.53 -13.98 -20.83
C ASP A 1130 18.67 -12.96 -20.62
N ASP A 1131 18.70 -11.97 -21.51
CA ASP A 1131 19.58 -10.80 -21.41
C ASP A 1131 18.79 -9.69 -20.73
N LEU A 1132 17.46 -9.79 -20.83
CA LEU A 1132 16.48 -8.73 -20.55
C LEU A 1132 15.74 -8.97 -19.23
N ILE A 1133 15.23 -10.18 -19.08
CA ILE A 1133 14.73 -10.70 -17.82
C ILE A 1133 15.67 -10.34 -16.65
N LYS A 1134 16.92 -10.06 -16.98
CA LYS A 1134 17.95 -9.67 -16.03
C LYS A 1134 17.98 -8.14 -15.85
N VAL A 1135 17.87 -7.42 -16.96
CA VAL A 1135 17.84 -5.95 -16.95
C VAL A 1135 16.78 -5.44 -15.97
N VAL A 1136 15.57 -5.97 -16.11
CA VAL A 1136 14.44 -5.56 -15.29
C VAL A 1136 14.69 -5.84 -13.80
N GLU A 1137 15.26 -6.99 -13.48
CA GLU A 1137 15.51 -7.36 -12.10
C GLU A 1137 16.42 -6.37 -11.39
N GLU A 1138 17.44 -5.88 -12.10
CA GLU A 1138 18.28 -4.82 -11.56
C GLU A 1138 17.48 -3.55 -11.14
N LEU A 1139 16.32 -3.33 -11.79
CA LEU A 1139 15.46 -2.21 -11.43
C LEU A 1139 14.53 -2.55 -10.29
N THR A 1140 14.08 -3.80 -10.24
CA THR A 1140 13.22 -4.23 -9.15
C THR A 1140 13.99 -3.99 -7.85
N ARG A 1141 15.32 -4.09 -7.92
CA ARG A 1141 16.14 -3.88 -6.73
C ARG A 1141 16.23 -2.42 -6.35
N ILE A 1142 15.64 -1.55 -7.17
CA ILE A 1142 15.73 -0.09 -6.97
C ILE A 1142 14.86 0.42 -5.81
N HIS A 1143 13.93 -0.44 -5.38
CA HIS A 1143 13.05 -0.18 -4.24
C HIS A 1143 12.66 -1.50 -3.54
N ILE B 1 -10.51 31.12 3.10
CA ILE B 1 -9.17 31.66 3.36
C ILE B 1 -8.07 30.65 2.98
N LEU B 2 -7.05 31.14 2.27
CA LEU B 2 -6.06 30.29 1.65
C LEU B 2 -5.56 29.07 2.47
N PRO B 3 -5.24 29.25 3.79
CA PRO B 3 -4.69 28.11 4.56
C PRO B 3 -5.64 26.93 4.63
N LYS B 4 -6.81 27.14 5.19
CA LYS B 4 -7.76 26.06 5.35
C LYS B 4 -8.02 25.41 3.99
N VAL B 5 -8.23 26.24 2.97
CA VAL B 5 -8.38 25.72 1.63
C VAL B 5 -7.18 24.84 1.33
N LEU B 6 -5.98 25.28 1.70
CA LEU B 6 -4.81 24.50 1.34
C LEU B 6 -4.84 23.15 2.04
N HIS B 7 -5.09 23.21 3.33
CA HIS B 7 -5.04 22.01 4.14
C HIS B 7 -6.13 21.06 3.67
N LYS B 8 -7.21 21.63 3.16
CA LYS B 8 -8.23 20.80 2.55
C LYS B 8 -7.64 20.00 1.38
N ARG B 9 -7.09 20.73 0.41
CA ARG B 9 -6.54 20.18 -0.85
C ARG B 9 -5.61 18.98 -0.62
N THR B 10 -4.97 19.02 0.53
CA THR B 10 -3.89 18.16 0.90
C THR B 10 -4.49 16.85 1.36
N LEU B 11 -5.75 16.92 1.82
CA LEU B 11 -6.47 15.77 2.37
C LEU B 11 -7.32 15.11 1.34
N GLY B 12 -7.63 15.88 0.30
CA GLY B 12 -8.40 15.31 -0.74
C GLY B 12 -9.49 16.27 -1.02
N LEU B 13 -9.05 17.52 -1.21
CA LEU B 13 -9.85 18.54 -1.86
C LEU B 13 -11.13 18.76 -1.05
N SER B 14 -11.21 18.07 0.10
CA SER B 14 -12.37 18.08 0.97
C SER B 14 -12.57 19.47 1.58
#